data_7KP7
#
_entry.id   7KP7
#
_cell.length_a   139.220
_cell.length_b   139.220
_cell.length_c   138.340
_cell.angle_alpha   90.000
_cell.angle_beta   90.000
_cell.angle_gamma   120.000
#
_symmetry.space_group_name_H-M   'P 61'
#
loop_
_entity.id
_entity.type
_entity.pdbx_description
1 polymer 'Tumor necrosis factor'
2 polymer 'Tumor necrosis factor receptor superfamily member 1A'
3 non-polymer 'SULFATE ION'
4 non-polymer 2-acetamido-2-deoxy-beta-D-glucopyranose
5 water water
#
loop_
_entity_poly.entity_id
_entity_poly.type
_entity_poly.pdbx_seq_one_letter_code
_entity_poly.pdbx_strand_id
1 'polypeptide(L)'
;SDKPVAHVVANHQVEEQLEWLSQRANALLANGMDLKDNQLVVPADGLYLVYSQVLFKGQGCPDYVLLTHTVSRFAISYQE
KVNLLSAVKSPCPKDTPEGAELKPWYEPIYLGGVFQLEKGDQLSAEVNLPKYLDFAESGQVYFGVIAL
;
B,A,C
2 'polypeptide(L)'
;GSVCPQGKYIHPQDNSICCTKCHKGTYLYNDCPGPGQDTDCRECESGSFTASENHLRHCLSCSKCRKEMGQVEISSCTVD
RDTVCGCRKNQYRHYWSENLFQCFNCSLCLNGTVHLSCQEKQNTVCTCHAGFFLRENECVSSSN
;
E,D,F
#
# COMPACT_ATOMS: atom_id res chain seq x y z
N SER A 1 4.77 -17.47 19.53
CA SER A 1 4.51 -18.79 20.21
C SER A 1 3.53 -18.61 21.37
N ASP A 2 3.79 -17.61 22.22
CA ASP A 2 2.86 -17.22 23.29
C ASP A 2 2.04 -15.95 22.94
N LYS A 3 2.52 -15.16 21.96
CA LYS A 3 1.95 -13.85 21.62
C LYS A 3 0.58 -14.00 20.90
N PRO A 4 -0.47 -13.29 21.37
CA PRO A 4 -1.75 -13.25 20.64
C PRO A 4 -1.60 -12.80 19.19
N VAL A 5 -2.29 -13.51 18.29
CA VAL A 5 -2.02 -13.36 16.89
C VAL A 5 -3.24 -13.74 16.06
N ALA A 6 -3.48 -12.93 15.04
CA ALA A 6 -4.53 -13.20 14.07
C ALA A 6 -4.07 -12.78 12.68
N HIS A 7 -4.33 -13.65 11.71
CA HIS A 7 -4.20 -13.31 10.31
C HIS A 7 -5.33 -14.02 9.62
N VAL A 8 -6.40 -13.29 9.37
CA VAL A 8 -7.61 -13.88 8.87
C VAL A 8 -7.87 -13.45 7.41
N VAL A 9 -8.66 -14.25 6.71
CA VAL A 9 -8.81 -14.10 5.28
C VAL A 9 -10.26 -14.15 4.94
N ALA A 10 -10.57 -13.72 3.73
CA ALA A 10 -11.96 -13.54 3.34
C ALA A 10 -12.58 -14.85 2.92
N ASN A 11 -13.85 -15.00 3.28
CA ASN A 11 -14.66 -16.06 2.80
C ASN A 11 -14.92 -15.87 1.31
N HIS A 12 -14.48 -16.84 0.52
CA HIS A 12 -14.67 -16.82 -0.93
C HIS A 12 -16.09 -17.19 -1.35
N GLN A 13 -16.80 -17.89 -0.45
CA GLN A 13 -18.10 -18.49 -0.79
C GLN A 13 -19.27 -17.56 -0.62
N VAL A 14 -19.13 -16.54 0.24
CA VAL A 14 -20.20 -15.57 0.43
C VAL A 14 -19.87 -14.33 -0.40
N GLU A 15 -20.75 -13.98 -1.33
CA GLU A 15 -20.57 -12.80 -2.19
C GLU A 15 -21.35 -11.62 -1.61
N GLU A 16 -20.81 -10.42 -1.79
CA GLU A 16 -21.42 -9.17 -1.34
C GLU A 16 -21.39 -9.00 0.20
N GLN A 17 -20.43 -9.64 0.84
CA GLN A 17 -20.15 -9.41 2.25
C GLN A 17 -18.70 -9.78 2.47
N LEU A 18 -18.04 -9.11 3.42
CA LEU A 18 -16.64 -9.41 3.75
C LEU A 18 -16.63 -10.11 5.07
N GLU A 19 -16.60 -11.44 5.02
CA GLU A 19 -16.62 -12.28 6.21
C GLU A 19 -15.23 -12.91 6.43
N TRP A 20 -14.67 -12.72 7.62
CA TRP A 20 -13.31 -13.19 7.91
C TRP A 20 -13.27 -14.65 8.42
N LEU A 21 -12.24 -15.39 8.00
CA LEU A 21 -12.03 -16.80 8.39
C LEU A 21 -10.63 -17.00 8.93
N SER A 22 -10.48 -17.97 9.84
CA SER A 22 -9.18 -18.33 10.38
C SER A 22 -8.73 -19.74 10.09
N GLN A 23 -9.66 -20.64 9.80
CA GLN A 23 -9.32 -22.06 9.71
C GLN A 23 -8.83 -22.44 8.31
N ARG A 24 -7.74 -21.81 7.85
CA ARG A 24 -7.21 -22.08 6.52
C ARG A 24 -5.73 -22.05 6.58
N ALA A 25 -5.09 -22.66 5.59
CA ALA A 25 -3.64 -22.64 5.53
C ALA A 25 -3.17 -21.20 5.47
N ASN A 26 -2.06 -20.92 6.15
CA ASN A 26 -1.49 -19.58 6.19
C ASN A 26 -2.39 -18.49 6.75
N ALA A 27 -3.33 -18.91 7.61
CA ALA A 27 -4.15 -18.03 8.41
C ALA A 27 -3.89 -18.38 9.89
N LEU A 28 -4.20 -17.46 10.79
CA LEU A 28 -3.87 -17.60 12.20
C LEU A 28 -4.95 -17.03 13.07
N LEU A 29 -5.24 -17.73 14.16
CA LEU A 29 -6.05 -17.20 15.24
C LEU A 29 -5.65 -17.95 16.48
N ALA A 30 -4.83 -17.34 17.32
CA ALA A 30 -4.19 -18.07 18.39
C ALA A 30 -3.84 -17.21 19.60
N ASN A 31 -3.61 -17.90 20.72
CA ASN A 31 -3.08 -17.32 21.95
C ASN A 31 -3.93 -16.22 22.53
N GLY A 32 -5.23 -16.39 22.43
CA GLY A 32 -6.16 -15.43 23.00
C GLY A 32 -6.93 -14.55 22.02
N MET A 33 -6.41 -14.34 20.82
CA MET A 33 -7.16 -13.54 19.83
C MET A 33 -8.45 -14.26 19.56
N ASP A 34 -9.52 -13.49 19.43
CA ASP A 34 -10.82 -14.02 19.19
C ASP A 34 -11.45 -13.36 17.99
N LEU A 35 -12.21 -14.14 17.25
CA LEU A 35 -12.94 -13.62 16.13
C LEU A 35 -14.41 -13.75 16.44
N LYS A 36 -15.07 -12.64 16.78
CA LYS A 36 -16.48 -12.64 17.17
C LYS A 36 -17.24 -11.55 16.44
N ASP A 37 -18.32 -11.95 15.77
CA ASP A 37 -19.18 -11.03 14.97
C ASP A 37 -18.34 -10.32 13.93
N ASN A 38 -17.43 -11.08 13.33
CA ASN A 38 -16.58 -10.60 12.26
C ASN A 38 -15.54 -9.57 12.69
N GLN A 39 -15.30 -9.45 13.99
CA GLN A 39 -14.37 -8.51 14.54
C GLN A 39 -13.31 -9.26 15.30
N LEU A 40 -12.10 -8.73 15.28
CA LEU A 40 -11.02 -9.30 16.05
C LEU A 40 -10.99 -8.66 17.41
N VAL A 41 -10.91 -9.49 18.44
CA VAL A 41 -11.03 -9.03 19.82
C VAL A 41 -9.78 -9.33 20.56
N VAL A 42 -9.19 -8.26 21.08
CA VAL A 42 -7.94 -8.30 21.76
C VAL A 42 -8.05 -8.92 23.17
N PRO A 43 -7.25 -9.94 23.46
CA PRO A 43 -7.29 -10.55 24.78
C PRO A 43 -6.53 -9.80 25.89
N ALA A 44 -5.64 -8.86 25.55
CA ALA A 44 -4.76 -8.25 26.57
C ALA A 44 -4.24 -6.88 26.20
N ASP A 45 -4.12 -6.00 27.18
CA ASP A 45 -3.52 -4.70 26.99
C ASP A 45 -2.15 -4.91 26.35
N GLY A 46 -1.76 -4.01 25.44
CA GLY A 46 -0.45 -4.10 24.79
C GLY A 46 -0.37 -3.37 23.46
N LEU A 47 0.82 -3.38 22.88
CA LEU A 47 1.06 -2.91 21.51
C LEU A 47 0.80 -3.99 20.47
N TYR A 48 0.01 -3.66 19.47
CA TYR A 48 -0.27 -4.59 18.40
C TYR A 48 -0.01 -3.98 17.03
N LEU A 49 0.56 -4.78 16.16
CA LEU A 49 0.64 -4.42 14.77
C LEU A 49 -0.68 -4.80 14.18
N VAL A 50 -1.33 -3.83 13.54
CA VAL A 50 -2.62 -4.04 12.94
C VAL A 50 -2.56 -3.72 11.46
N TYR A 51 -3.09 -4.60 10.62
CA TYR A 51 -3.00 -4.39 9.18
C TYR A 51 -4.08 -5.09 8.41
N SER A 52 -4.33 -4.61 7.20
CA SER A 52 -5.31 -5.22 6.32
C SER A 52 -5.06 -4.88 4.88
N GLN A 53 -5.34 -5.84 4.01
CA GLN A 53 -5.32 -5.62 2.58
C GLN A 53 -6.63 -5.99 1.95
N VAL A 54 -7.04 -5.21 0.97
CA VAL A 54 -8.15 -5.61 0.13
C VAL A 54 -7.77 -5.36 -1.31
N LEU A 55 -8.35 -6.16 -2.21
CA LEU A 55 -8.20 -5.98 -3.62
C LEU A 55 -9.55 -5.83 -4.20
N PHE A 56 -9.77 -4.74 -4.91
CA PHE A 56 -11.02 -4.46 -5.57
C PHE A 56 -10.82 -4.69 -7.06
N LYS A 57 -11.89 -5.03 -7.75
CA LYS A 57 -11.83 -5.30 -9.17
C LYS A 57 -13.13 -4.91 -9.81
N GLY A 58 -13.07 -4.65 -11.09
CA GLY A 58 -14.25 -4.32 -11.84
C GLY A 58 -14.07 -4.53 -13.31
N GLN A 59 -15.19 -4.47 -14.00
CA GLN A 59 -15.19 -4.68 -15.43
C GLN A 59 -15.55 -3.37 -16.06
N GLY A 60 -14.53 -2.69 -16.56
CA GLY A 60 -14.73 -1.37 -17.13
C GLY A 60 -15.33 -0.41 -16.12
N CYS A 61 -15.75 0.73 -16.62
CA CYS A 61 -16.18 1.81 -15.79
C CYS A 61 -17.52 2.38 -16.25
N PRO A 62 -18.59 1.62 -16.05
CA PRO A 62 -19.90 2.16 -16.39
C PRO A 62 -20.25 3.37 -15.54
N ASP A 63 -19.74 3.41 -14.31
CA ASP A 63 -20.01 4.51 -13.39
C ASP A 63 -18.80 4.90 -12.59
N TYR A 64 -18.79 6.17 -12.19
CA TYR A 64 -17.91 6.66 -11.16
C TYR A 64 -18.22 5.92 -9.85
N VAL A 65 -17.18 5.58 -9.12
CA VAL A 65 -17.33 4.85 -7.90
C VAL A 65 -16.16 5.14 -6.97
N LEU A 66 -16.45 5.28 -5.68
CA LEU A 66 -15.42 5.42 -4.71
C LEU A 66 -15.42 4.20 -3.82
N LEU A 67 -14.22 3.71 -3.56
CA LEU A 67 -14.03 2.53 -2.78
C LEU A 67 -13.27 2.94 -1.52
N THR A 68 -13.73 2.43 -0.37
CA THR A 68 -13.07 2.72 0.89
C THR A 68 -12.69 1.46 1.62
N HIS A 69 -11.67 1.59 2.44
CA HIS A 69 -11.17 0.48 3.21
C HIS A 69 -10.77 1.10 4.53
N THR A 70 -11.23 0.52 5.63
CA THR A 70 -11.09 1.13 6.91
C THR A 70 -10.91 0.08 7.99
N VAL A 71 -9.88 0.26 8.81
CA VAL A 71 -9.75 -0.54 9.99
C VAL A 71 -10.15 0.33 11.15
N SER A 72 -11.09 -0.17 11.93
CA SER A 72 -11.69 0.60 13.01
C SER A 72 -11.45 -0.02 14.37
N ARG A 73 -11.41 0.82 15.39
CA ARG A 73 -11.35 0.38 16.78
C ARG A 73 -12.61 0.77 17.51
N PHE A 74 -13.24 -0.21 18.15
CA PHE A 74 -14.32 0.02 19.11
C PHE A 74 -13.75 -0.26 20.48
N ALA A 75 -13.34 0.78 21.17
CA ALA A 75 -12.55 0.62 22.39
C ALA A 75 -13.44 0.61 23.61
N ILE A 76 -13.07 -0.24 24.56
CA ILE A 76 -13.66 -0.24 25.88
C ILE A 76 -13.61 1.17 26.47
N SER A 77 -12.46 1.84 26.35
CA SER A 77 -12.30 3.20 26.86
C SER A 77 -13.05 4.30 26.09
N TYR A 78 -13.60 4.00 24.92
CA TYR A 78 -14.32 5.01 24.08
C TYR A 78 -15.28 4.29 23.13
N GLN A 79 -16.54 4.18 23.55
CA GLN A 79 -17.51 3.28 22.92
C GLN A 79 -18.13 3.86 21.65
N GLU A 80 -17.28 4.25 20.71
CA GLU A 80 -17.67 4.62 19.39
C GLU A 80 -16.73 3.93 18.46
N LYS A 81 -17.19 3.72 17.24
CA LYS A 81 -16.34 3.20 16.19
C LYS A 81 -15.38 4.30 15.69
N VAL A 82 -14.08 4.06 15.72
CA VAL A 82 -13.09 5.06 15.38
C VAL A 82 -12.03 4.53 14.41
N ASN A 83 -11.71 5.32 13.39
CA ASN A 83 -10.69 4.92 12.41
C ASN A 83 -9.31 4.84 12.98
N LEU A 84 -8.69 3.69 12.83
CA LEU A 84 -7.26 3.56 13.07
C LEU A 84 -6.49 3.79 11.78
N LEU A 85 -7.00 3.20 10.72
CA LEU A 85 -6.37 3.20 9.43
C LEU A 85 -7.45 3.31 8.36
N SER A 86 -7.24 4.16 7.36
CA SER A 86 -8.26 4.37 6.36
C SER A 86 -7.72 4.83 5.04
N ALA A 87 -8.39 4.44 3.97
CA ALA A 87 -8.02 4.92 2.63
C ALA A 87 -9.16 4.85 1.67
N VAL A 88 -8.97 5.53 0.56
CA VAL A 88 -9.99 5.68 -0.45
C VAL A 88 -9.35 5.49 -1.83
N LYS A 89 -10.12 4.92 -2.75
CA LYS A 89 -9.68 4.72 -4.11
C LYS A 89 -10.74 5.14 -5.12
N SER A 90 -10.28 5.63 -6.26
CA SER A 90 -11.16 6.16 -7.28
C SER A 90 -10.80 5.51 -8.61
N PRO A 91 -11.31 4.29 -8.85
CA PRO A 91 -10.87 3.51 -10.02
C PRO A 91 -11.37 4.02 -11.38
N CYS A 92 -12.46 4.77 -11.39
CA CYS A 92 -13.22 5.09 -12.61
C CYS A 92 -13.40 6.60 -12.82
N PRO A 93 -12.31 7.32 -13.15
CA PRO A 93 -12.39 8.78 -13.36
C PRO A 93 -13.31 9.19 -14.53
N LYS A 94 -13.15 8.52 -15.66
CA LYS A 94 -14.04 8.75 -16.82
C LYS A 94 -14.81 7.46 -17.05
N ASP A 95 -16.07 7.59 -17.45
CA ASP A 95 -16.89 6.44 -17.82
C ASP A 95 -16.37 5.85 -19.13
N THR A 96 -16.47 4.53 -19.24
CA THR A 96 -16.16 3.83 -20.48
C THR A 96 -17.18 4.28 -21.54
N PRO A 97 -16.69 4.73 -22.73
CA PRO A 97 -17.66 5.21 -23.73
C PRO A 97 -18.60 4.09 -24.21
N GLU A 98 -19.85 4.46 -24.54
CA GLU A 98 -20.85 3.48 -25.02
C GLU A 98 -20.29 2.69 -26.20
N GLY A 99 -20.35 1.35 -26.09
CA GLY A 99 -19.87 0.47 -27.15
C GLY A 99 -18.43 -0.02 -27.00
N ALA A 100 -17.57 0.77 -26.36
CA ALA A 100 -16.16 0.41 -26.14
C ALA A 100 -16.01 -0.78 -25.20
N GLU A 101 -14.83 -1.40 -25.25
CA GLU A 101 -14.52 -2.58 -24.44
C GLU A 101 -14.54 -2.24 -22.94
N LEU A 102 -15.13 -3.13 -22.14
CA LEU A 102 -15.10 -3.00 -20.67
C LEU A 102 -13.89 -3.74 -20.09
N LYS A 103 -12.76 -3.04 -20.01
CA LYS A 103 -11.50 -3.69 -19.61
C LYS A 103 -11.42 -3.81 -18.12
N PRO A 104 -10.97 -4.97 -17.63
CA PRO A 104 -10.89 -5.17 -16.18
C PRO A 104 -9.91 -4.22 -15.55
N TRP A 105 -10.24 -3.77 -14.34
CA TRP A 105 -9.33 -2.99 -13.53
C TRP A 105 -9.19 -3.64 -12.17
N TYR A 106 -8.09 -3.32 -11.51
CA TYR A 106 -7.79 -3.85 -10.17
C TYR A 106 -7.26 -2.75 -9.28
N GLU A 107 -7.72 -2.70 -8.03
CA GLU A 107 -7.19 -1.71 -7.08
C GLU A 107 -6.91 -2.34 -5.72
N PRO A 108 -5.62 -2.60 -5.42
CA PRO A 108 -5.27 -3.01 -4.09
C PRO A 108 -5.16 -1.83 -3.12
N ILE A 109 -5.42 -2.07 -1.86
CA ILE A 109 -5.14 -1.12 -0.79
C ILE A 109 -4.55 -1.84 0.40
N TYR A 110 -3.46 -1.31 0.94
CA TYR A 110 -2.86 -1.83 2.16
C TYR A 110 -2.94 -0.82 3.24
N LEU A 111 -3.25 -1.28 4.45
CA LEU A 111 -3.27 -0.42 5.64
C LEU A 111 -2.50 -1.13 6.74
N GLY A 112 -1.73 -0.39 7.52
CA GLY A 112 -0.93 -1.01 8.54
C GLY A 112 -0.34 -0.05 9.51
N GLY A 113 -0.49 -0.36 10.80
CA GLY A 113 0.17 0.41 11.84
C GLY A 113 0.22 -0.26 13.20
N VAL A 114 0.99 0.35 14.10
CA VAL A 114 1.13 -0.15 15.46
C VAL A 114 0.27 0.66 16.40
N PHE A 115 -0.48 -0.04 17.23
CA PHE A 115 -1.44 0.63 18.13
C PHE A 115 -1.43 0.02 19.52
N GLN A 116 -1.58 0.88 20.52
CA GLN A 116 -1.80 0.45 21.89
C GLN A 116 -3.24 0.10 21.96
N LEU A 117 -3.52 -1.14 22.31
CA LEU A 117 -4.89 -1.58 22.46
C LEU A 117 -5.10 -2.19 23.84
N GLU A 118 -6.37 -2.32 24.21
CA GLU A 118 -6.78 -2.77 25.52
C GLU A 118 -7.59 -4.02 25.43
N LYS A 119 -7.45 -4.86 26.45
CA LYS A 119 -8.26 -6.06 26.57
C LYS A 119 -9.73 -5.74 26.28
N GLY A 120 -10.32 -6.50 25.38
CA GLY A 120 -11.73 -6.33 25.02
C GLY A 120 -12.04 -5.41 23.84
N ASP A 121 -11.05 -4.65 23.39
CA ASP A 121 -11.20 -3.78 22.24
C ASP A 121 -11.52 -4.60 20.99
N GLN A 122 -12.46 -4.11 20.20
CA GLN A 122 -12.91 -4.76 18.99
C GLN A 122 -12.35 -4.06 17.75
N LEU A 123 -11.68 -4.81 16.89
CA LEU A 123 -11.16 -4.27 15.65
C LEU A 123 -11.91 -4.85 14.49
N SER A 124 -12.28 -4.00 13.55
CA SER A 124 -12.97 -4.44 12.37
C SER A 124 -12.25 -3.90 11.13
N ALA A 125 -12.31 -4.67 10.05
CA ALA A 125 -11.70 -4.30 8.79
C ALA A 125 -12.77 -4.37 7.73
N GLU A 126 -13.10 -3.24 7.11
CA GLU A 126 -14.31 -3.12 6.29
C GLU A 126 -14.11 -2.32 5.02
N VAL A 127 -14.94 -2.58 4.04
CA VAL A 127 -14.98 -1.81 2.83
C VAL A 127 -16.40 -1.32 2.69
N ASN A 128 -16.60 -0.24 1.96
CA ASN A 128 -17.94 0.23 1.70
C ASN A 128 -18.69 -0.64 0.72
N LEU A 129 -18.00 -1.21 -0.29
CA LEU A 129 -18.68 -1.95 -1.38
C LEU A 129 -18.11 -3.33 -1.64
N PRO A 130 -18.46 -4.29 -0.81
CA PRO A 130 -17.94 -5.66 -0.98
C PRO A 130 -18.22 -6.31 -2.34
N LYS A 131 -19.24 -5.88 -3.08
CA LYS A 131 -19.48 -6.46 -4.40
C LYS A 131 -18.22 -6.34 -5.27
N TYR A 132 -17.39 -5.33 -5.04
CA TYR A 132 -16.18 -5.14 -5.85
C TYR A 132 -14.95 -5.91 -5.39
N LEU A 133 -15.03 -6.66 -4.28
CA LEU A 133 -13.85 -7.34 -3.78
C LEU A 133 -13.43 -8.49 -4.68
N ASP A 134 -12.14 -8.79 -4.69
CA ASP A 134 -11.60 -9.83 -5.53
C ASP A 134 -11.26 -11.01 -4.65
N PHE A 135 -12.07 -12.04 -4.74
CA PHE A 135 -11.82 -13.28 -4.02
C PHE A 135 -11.27 -14.41 -4.89
N ALA A 136 -10.76 -14.12 -6.08
CA ALA A 136 -10.35 -15.18 -6.97
C ALA A 136 -9.22 -16.06 -6.41
N GLU A 137 -8.28 -15.47 -5.70
CA GLU A 137 -7.08 -16.19 -5.30
C GLU A 137 -6.75 -15.84 -3.89
N SER A 138 -5.87 -16.62 -3.31
CA SER A 138 -5.44 -16.43 -1.95
C SER A 138 -4.46 -15.29 -1.86
N GLY A 139 -4.45 -14.66 -0.67
CA GLY A 139 -3.50 -13.62 -0.36
C GLY A 139 -3.90 -12.24 -0.84
N GLN A 140 -5.15 -12.07 -1.29
CA GLN A 140 -5.58 -10.80 -1.88
C GLN A 140 -6.35 -9.97 -0.90
N VAL A 141 -6.98 -10.62 0.06
CA VAL A 141 -7.79 -9.97 1.05
C VAL A 141 -7.50 -10.58 2.40
N TYR A 142 -7.04 -9.76 3.35
CA TYR A 142 -6.68 -10.25 4.66
C TYR A 142 -6.68 -9.14 5.71
N PHE A 143 -6.61 -9.57 6.97
CA PHE A 143 -6.78 -8.70 8.13
C PHE A 143 -6.01 -9.34 9.26
N GLY A 144 -5.08 -8.62 9.83
CA GLY A 144 -4.19 -9.18 10.83
C GLY A 144 -4.00 -8.29 12.03
N VAL A 145 -3.82 -8.92 13.19
CA VAL A 145 -3.46 -8.23 14.42
C VAL A 145 -2.45 -9.08 15.12
N ILE A 146 -1.28 -8.54 15.41
N ILE A 146 -1.30 -8.51 15.44
CA ILE A 146 -0.30 -9.30 16.16
CA ILE A 146 -0.30 -9.27 16.14
C ILE A 146 0.28 -8.51 17.31
C ILE A 146 0.27 -8.50 17.31
N ALA A 147 0.28 -9.12 18.49
CA ALA A 147 0.88 -8.53 19.67
C ALA A 147 2.38 -8.51 19.54
N LEU A 148 2.95 -7.33 19.70
CA LEU A 148 4.38 -7.18 19.72
C LEU A 148 4.88 -7.34 21.13
N SER B 1 5.67 -2.65 25.31
CA SER B 1 5.51 -2.15 26.73
C SER B 1 6.77 -1.42 27.20
N ASP B 2 7.94 -2.04 26.98
CA ASP B 2 9.24 -1.38 27.18
C ASP B 2 9.84 -0.90 25.82
N LYS B 3 9.33 -1.42 24.70
CA LYS B 3 9.90 -1.20 23.36
C LYS B 3 9.63 0.23 22.82
N PRO B 4 10.70 0.94 22.35
CA PRO B 4 10.50 2.27 21.74
C PRO B 4 9.53 2.21 20.58
N VAL B 5 8.63 3.18 20.52
CA VAL B 5 7.50 3.10 19.63
C VAL B 5 6.97 4.49 19.29
N ALA B 6 6.64 4.65 18.03
CA ALA B 6 6.01 5.90 17.55
C ALA B 6 4.97 5.57 16.50
N HIS B 7 3.82 6.20 16.61
CA HIS B 7 2.84 6.18 15.56
C HIS B 7 2.24 7.54 15.55
N VAL B 8 2.73 8.39 14.64
CA VAL B 8 2.37 9.79 14.64
C VAL B 8 1.52 10.13 13.44
N VAL B 9 0.77 11.20 13.55
CA VAL B 9 -0.27 11.48 12.60
C VAL B 9 -0.18 12.93 12.22
N ALA B 10 -0.86 13.28 11.13
CA ALA B 10 -0.71 14.60 10.55
C ALA B 10 -1.55 15.62 11.27
N ASN B 11 -0.97 16.81 11.42
CA ASN B 11 -1.70 17.96 11.84
C ASN B 11 -2.72 18.35 10.76
N HIS B 12 -3.99 18.33 11.13
CA HIS B 12 -5.07 18.71 10.26
C HIS B 12 -5.18 20.23 10.09
N GLN B 13 -4.64 20.97 11.05
CA GLN B 13 -4.85 22.42 11.14
C GLN B 13 -3.87 23.25 10.32
N VAL B 14 -2.70 22.71 10.02
CA VAL B 14 -1.74 23.42 9.14
C VAL B 14 -1.91 22.85 7.73
N GLU B 15 -2.24 23.72 6.78
CA GLU B 15 -2.40 23.30 5.37
C GLU B 15 -1.10 23.60 4.65
N GLU B 16 -0.80 22.74 3.68
CA GLU B 16 0.38 22.92 2.85
C GLU B 16 1.71 22.64 3.59
N GLN B 17 1.64 21.82 4.63
CA GLN B 17 2.83 21.29 5.28
C GLN B 17 2.42 19.98 5.94
N LEU B 18 3.36 19.01 6.02
CA LEU B 18 3.10 17.73 6.67
C LEU B 18 3.78 17.70 8.03
N GLU B 19 3.05 18.06 9.07
CA GLU B 19 3.59 18.20 10.42
C GLU B 19 3.05 17.06 11.30
N TRP B 20 3.94 16.30 11.92
CA TRP B 20 3.54 15.10 12.67
C TRP B 20 3.21 15.41 14.15
N LEU B 21 2.20 14.71 14.67
CA LEU B 21 1.73 14.86 16.04
C LEU B 21 1.65 13.53 16.72
N SER B 22 1.83 13.52 18.05
CA SER B 22 1.71 12.32 18.85
C SER B 22 0.62 12.36 19.90
N GLN B 23 0.18 13.54 20.30
CA GLN B 23 -0.76 13.61 21.44
C GLN B 23 -2.24 13.49 21.02
N ARG B 24 -2.58 12.36 20.41
CA ARG B 24 -3.97 12.13 19.95
C ARG B 24 -4.30 10.71 20.14
N ALA B 25 -5.57 10.41 20.17
CA ALA B 25 -6.02 9.05 20.36
C ALA B 25 -5.44 8.18 19.27
N ASN B 26 -5.06 6.97 19.65
CA ASN B 26 -4.45 6.02 18.70
C ASN B 26 -3.18 6.49 18.00
N ALA B 27 -2.47 7.41 18.65
CA ALA B 27 -1.15 7.80 18.29
C ALA B 27 -0.20 7.48 19.46
N LEU B 28 1.09 7.36 19.18
CA LEU B 28 2.05 6.88 20.14
C LEU B 28 3.33 7.62 20.01
N LEU B 29 3.93 7.92 21.14
CA LEU B 29 5.34 8.32 21.17
C LEU B 29 5.83 7.94 22.55
N ALA B 30 6.54 6.84 22.64
CA ALA B 30 6.83 6.27 23.93
C ALA B 30 8.15 5.50 23.98
N ASN B 31 8.62 5.32 25.20
CA ASN B 31 9.75 4.47 25.52
C ASN B 31 11.03 4.89 24.86
N GLY B 32 11.25 6.18 24.74
CA GLY B 32 12.52 6.69 24.19
C GLY B 32 12.43 7.31 22.81
N MET B 33 11.43 6.96 22.02
CA MET B 33 11.24 7.61 20.71
C MET B 33 11.07 9.09 20.96
N ASP B 34 11.71 9.91 20.14
CA ASP B 34 11.56 11.38 20.22
C ASP B 34 11.09 11.91 18.87
N LEU B 35 10.29 12.96 18.93
CA LEU B 35 9.86 13.65 17.79
C LEU B 35 10.48 15.02 17.83
N LYS B 36 11.50 15.26 17.03
CA LYS B 36 12.21 16.53 17.02
C LYS B 36 12.40 17.07 15.60
N ASP B 37 11.95 18.30 15.37
CA ASP B 37 12.03 18.97 14.06
C ASP B 37 11.33 18.14 13.02
N ASN B 38 10.20 17.59 13.41
CA ASN B 38 9.33 16.80 12.57
C ASN B 38 9.92 15.44 12.13
N GLN B 39 10.99 15.02 12.80
CA GLN B 39 11.68 13.78 12.51
C GLN B 39 11.62 12.88 13.73
N LEU B 40 11.52 11.58 13.48
CA LEU B 40 11.51 10.61 14.57
C LEU B 40 12.95 10.20 14.83
N VAL B 41 13.34 10.19 16.09
CA VAL B 41 14.71 10.01 16.48
C VAL B 41 14.80 8.79 17.36
N VAL B 42 15.61 7.88 16.89
CA VAL B 42 15.78 6.60 17.51
C VAL B 42 16.63 6.68 18.80
N PRO B 43 16.12 6.11 19.90
CA PRO B 43 16.86 6.14 21.16
C PRO B 43 17.94 5.07 21.31
N ALA B 44 17.94 4.02 20.50
CA ALA B 44 18.85 2.88 20.70
C ALA B 44 19.12 2.05 19.48
N ASP B 45 20.34 1.55 19.37
CA ASP B 45 20.70 0.63 18.29
C ASP B 45 19.72 -0.53 18.31
N GLY B 46 19.33 -1.00 17.14
CA GLY B 46 18.38 -2.11 17.04
C GLY B 46 17.64 -2.20 15.71
N LEU B 47 16.81 -3.23 15.59
CA LEU B 47 15.91 -3.40 14.46
C LEU B 47 14.58 -2.71 14.70
N TYR B 48 14.17 -1.89 13.74
CA TYR B 48 12.88 -1.24 13.83
C TYR B 48 12.03 -1.47 12.61
N LEU B 49 10.76 -1.70 12.84
CA LEU B 49 9.82 -1.67 11.76
C LEU B 49 9.53 -0.21 11.53
N VAL B 50 9.68 0.25 10.27
CA VAL B 50 9.41 1.63 9.88
C VAL B 50 8.37 1.70 8.75
N TYR B 51 7.37 2.56 8.89
CA TYR B 51 6.29 2.62 7.93
C TYR B 51 5.61 3.97 7.89
N SER B 52 4.94 4.25 6.78
CA SER B 52 4.17 5.45 6.63
C SER B 52 3.12 5.29 5.58
N GLN B 53 1.98 5.96 5.78
CA GLN B 53 0.94 6.06 4.79
C GLN B 53 0.59 7.48 4.53
N VAL B 54 0.33 7.79 3.26
CA VAL B 54 -0.25 9.09 2.92
C VAL B 54 -1.38 8.84 2.00
N LEU B 55 -2.37 9.73 2.03
CA LEU B 55 -3.46 9.71 1.09
C LEU B 55 -3.46 11.05 0.41
N PHE B 56 -3.37 11.04 -0.90
CA PHE B 56 -3.44 12.22 -1.69
C PHE B 56 -4.82 12.30 -2.35
N LYS B 57 -5.27 13.50 -2.65
CA LYS B 57 -6.57 13.71 -3.24
C LYS B 57 -6.55 14.93 -4.13
N GLY B 58 -7.48 14.97 -5.06
CA GLY B 58 -7.62 16.13 -5.91
C GLY B 58 -8.97 16.21 -6.50
N GLN B 59 -9.22 17.34 -7.13
CA GLN B 59 -10.47 17.61 -7.76
C GLN B 59 -10.24 17.67 -9.27
N GLY B 60 -10.57 16.58 -9.95
CA GLY B 60 -10.25 16.47 -11.37
C GLY B 60 -8.76 16.62 -11.64
N CYS B 61 -8.44 16.80 -12.91
CA CYS B 61 -7.09 16.78 -13.37
C CYS B 61 -6.81 17.95 -14.30
N PRO B 62 -6.78 19.15 -13.74
CA PRO B 62 -6.40 20.29 -14.58
C PRO B 62 -4.99 20.17 -15.10
N ASP B 63 -4.11 19.49 -14.36
CA ASP B 63 -2.71 19.33 -14.77
C ASP B 63 -2.16 17.97 -14.44
N TYR B 64 -1.18 17.57 -15.24
CA TYR B 64 -0.33 16.42 -14.93
C TYR B 64 0.44 16.74 -13.64
N VAL B 65 0.57 15.73 -12.80
CA VAL B 65 1.21 15.91 -11.52
C VAL B 65 1.78 14.59 -11.04
N LEU B 66 2.97 14.65 -10.45
CA LEU B 66 3.55 13.49 -9.83
C LEU B 66 3.64 13.71 -8.35
N LEU B 67 3.27 12.69 -7.62
CA LEU B 67 3.23 12.72 -6.19
C LEU B 67 4.22 11.73 -5.67
N THR B 68 5.01 12.16 -4.68
CA THR B 68 6.01 11.26 -4.09
C THR B 68 5.84 11.14 -2.60
N HIS B 69 6.30 10.03 -2.07
CA HIS B 69 6.25 9.75 -0.68
C HIS B 69 7.52 9.02 -0.36
N THR B 70 8.25 9.47 0.64
CA THR B 70 9.56 8.97 0.93
C THR B 70 9.82 8.94 2.43
N VAL B 71 10.27 7.80 2.92
CA VAL B 71 10.82 7.73 4.25
C VAL B 71 12.33 7.68 4.15
N SER B 72 12.97 8.60 4.85
CA SER B 72 14.39 8.79 4.77
C SER B 72 15.10 8.55 6.10
N ARG B 73 16.35 8.12 6.01
CA ARG B 73 17.23 7.99 7.17
C ARG B 73 18.39 8.97 7.09
N PHE B 74 18.54 9.78 8.14
CA PHE B 74 19.73 10.63 8.31
C PHE B 74 20.57 10.00 9.40
N ALA B 75 21.53 9.18 9.01
CA ALA B 75 22.20 8.31 9.96
C ALA B 75 23.43 8.97 10.54
N ILE B 76 23.67 8.72 11.82
CA ILE B 76 24.90 9.17 12.49
C ILE B 76 26.12 8.64 11.71
N SER B 77 26.05 7.38 11.29
CA SER B 77 27.11 6.76 10.51
C SER B 77 27.26 7.23 9.04
N TYR B 78 26.30 8.00 8.53
CA TYR B 78 26.34 8.54 7.13
C TYR B 78 25.46 9.79 7.03
N GLN B 79 26.09 10.96 7.14
CA GLN B 79 25.37 12.20 7.34
C GLN B 79 24.81 12.80 6.04
N GLU B 80 24.01 12.00 5.35
CA GLU B 80 23.24 12.45 4.21
C GLU B 80 21.88 11.85 4.35
N LYS B 81 20.92 12.50 3.76
CA LYS B 81 19.57 12.00 3.72
C LYS B 81 19.47 10.87 2.69
N VAL B 82 19.00 9.69 3.12
CA VAL B 82 19.00 8.52 2.27
C VAL B 82 17.64 7.78 2.33
N ASN B 83 17.14 7.37 1.16
CA ASN B 83 15.87 6.71 1.08
C ASN B 83 15.89 5.34 1.65
N LEU B 84 14.99 5.10 2.60
CA LEU B 84 14.74 3.75 3.07
C LEU B 84 13.60 3.14 2.27
N LEU B 85 12.59 3.97 2.07
CA LEU B 85 11.37 3.55 1.45
C LEU B 85 10.89 4.69 0.59
N SER B 86 10.43 4.38 -0.62
CA SER B 86 10.01 5.44 -1.53
C SER B 86 9.02 4.99 -2.57
N ALA B 87 8.14 5.90 -2.97
CA ALA B 87 7.19 5.60 -4.05
C ALA B 87 6.69 6.83 -4.72
N VAL B 88 6.07 6.61 -5.87
CA VAL B 88 5.62 7.66 -6.76
C VAL B 88 4.27 7.30 -7.31
N LYS B 89 3.45 8.32 -7.52
CA LYS B 89 2.11 8.14 -8.07
C LYS B 89 1.78 9.17 -9.13
N SER B 90 0.96 8.77 -10.09
CA SER B 90 0.66 9.60 -11.25
C SER B 90 -0.84 9.62 -11.42
N PRO B 91 -1.52 10.46 -10.65
CA PRO B 91 -3.00 10.45 -10.63
C PRO B 91 -3.70 10.99 -11.88
N CYS B 92 -3.02 11.82 -12.68
CA CYS B 92 -3.64 12.60 -13.75
C CYS B 92 -2.99 12.39 -15.14
N PRO B 93 -3.17 11.19 -15.74
CA PRO B 93 -2.57 10.88 -17.06
C PRO B 93 -3.05 11.80 -18.19
N LYS B 94 -4.36 12.00 -18.28
CA LYS B 94 -4.94 12.95 -19.23
C LYS B 94 -5.57 14.10 -18.43
N ASP B 95 -5.47 15.31 -18.95
CA ASP B 95 -6.14 16.47 -18.36
C ASP B 95 -7.65 16.33 -18.56
N THR B 96 -8.40 16.82 -17.58
CA THR B 96 -9.85 16.87 -17.65
C THR B 96 -10.22 17.84 -18.77
N PRO B 97 -11.09 17.41 -19.73
CA PRO B 97 -11.38 18.32 -20.85
C PRO B 97 -12.11 19.59 -20.37
N GLU B 98 -11.87 20.72 -21.05
CA GLU B 98 -12.52 22.00 -20.73
C GLU B 98 -14.06 21.83 -20.72
N GLY B 99 -14.67 22.24 -19.60
CA GLY B 99 -16.13 22.12 -19.42
C GLY B 99 -16.62 20.87 -18.69
N ALA B 100 -15.88 19.76 -18.80
CA ALA B 100 -16.27 18.50 -18.16
C ALA B 100 -16.16 18.58 -16.62
N GLU B 101 -16.83 17.63 -15.96
CA GLU B 101 -16.87 17.58 -14.50
C GLU B 101 -15.46 17.31 -13.93
N LEU B 102 -15.11 18.02 -12.86
CA LEU B 102 -13.85 17.75 -12.14
C LEU B 102 -14.09 16.72 -11.02
N LYS B 103 -13.96 15.43 -11.36
CA LYS B 103 -14.30 14.36 -10.41
C LYS B 103 -13.17 14.11 -9.44
N PRO B 104 -13.51 13.95 -8.16
CA PRO B 104 -12.45 13.75 -7.17
C PRO B 104 -11.71 12.48 -7.42
N TRP B 105 -10.39 12.52 -7.19
CA TRP B 105 -9.56 11.31 -7.21
C TRP B 105 -8.80 11.18 -5.86
N TYR B 106 -8.40 9.95 -5.56
CA TYR B 106 -7.72 9.61 -4.34
C TYR B 106 -6.57 8.65 -4.59
N GLU B 107 -5.43 8.88 -3.97
CA GLU B 107 -4.29 8.00 -4.15
C GLU B 107 -3.60 7.72 -2.85
N PRO B 108 -3.82 6.56 -2.28
CA PRO B 108 -3.07 6.16 -1.11
C PRO B 108 -1.72 5.59 -1.49
N ILE B 109 -0.74 5.73 -0.61
CA ILE B 109 0.53 5.06 -0.70
C ILE B 109 0.96 4.56 0.65
N TYR B 110 1.38 3.30 0.71
CA TYR B 110 1.91 2.70 1.93
C TYR B 110 3.33 2.29 1.72
N LEU B 111 4.15 2.54 2.72
CA LEU B 111 5.55 2.18 2.71
C LEU B 111 5.88 1.53 4.03
N GLY B 112 6.69 0.49 3.99
CA GLY B 112 6.95 -0.23 5.21
C GLY B 112 8.06 -1.22 5.09
N GLY B 113 9.01 -1.14 6.01
CA GLY B 113 10.05 -2.15 6.11
C GLY B 113 10.78 -2.18 7.44
N VAL B 114 11.60 -3.22 7.59
CA VAL B 114 12.42 -3.39 8.79
C VAL B 114 13.83 -2.93 8.54
N PHE B 115 14.35 -2.11 9.46
CA PHE B 115 15.68 -1.55 9.30
C PHE B 115 16.51 -1.58 10.58
N GLN B 116 17.81 -1.83 10.41
CA GLN B 116 18.75 -1.72 11.49
C GLN B 116 19.05 -0.26 11.60
N LEU B 117 18.77 0.30 12.77
CA LEU B 117 19.04 1.69 13.00
C LEU B 117 19.92 1.86 14.21
N GLU B 118 20.49 3.03 14.32
CA GLU B 118 21.42 3.37 15.37
C GLU B 118 20.93 4.55 16.22
N LYS B 119 21.29 4.54 17.48
CA LYS B 119 20.95 5.60 18.38
C LYS B 119 21.30 6.92 17.73
N GLY B 120 20.33 7.84 17.74
CA GLY B 120 20.53 9.17 17.19
C GLY B 120 20.15 9.35 15.72
N ASP B 121 19.91 8.26 15.01
CA ASP B 121 19.45 8.32 13.63
C ASP B 121 18.10 9.04 13.52
N GLN B 122 17.99 9.90 12.52
CA GLN B 122 16.77 10.70 12.30
C GLN B 122 15.97 10.14 11.11
N LEU B 123 14.70 9.83 11.33
CA LEU B 123 13.84 9.34 10.26
C LEU B 123 12.81 10.39 9.94
N SER B 124 12.61 10.64 8.65
CA SER B 124 11.61 11.61 8.21
C SER B 124 10.69 10.94 7.19
N ALA B 125 9.44 11.37 7.18
CA ALA B 125 8.43 10.85 6.25
C ALA B 125 7.83 12.03 5.54
N GLU B 126 7.99 12.10 4.24
CA GLU B 126 7.72 13.33 3.48
C GLU B 126 7.03 13.07 2.16
N VAL B 127 6.33 14.09 1.68
CA VAL B 127 5.79 14.07 0.35
C VAL B 127 6.30 15.31 -0.33
N ASN B 128 6.33 15.30 -1.65
CA ASN B 128 6.74 16.47 -2.42
C ASN B 128 5.69 17.56 -2.41
N LEU B 129 4.41 17.20 -2.42
CA LEU B 129 3.33 18.22 -2.55
C LEU B 129 2.24 18.11 -1.50
N PRO B 130 2.48 18.66 -0.30
CA PRO B 130 1.51 18.56 0.79
C PRO B 130 0.15 19.19 0.48
N LYS B 131 0.06 20.12 -0.47
CA LYS B 131 -1.25 20.68 -0.85
C LYS B 131 -2.24 19.57 -1.23
N TYR B 132 -1.76 18.45 -1.76
CA TYR B 132 -2.64 17.35 -2.16
C TYR B 132 -2.99 16.33 -1.08
N LEU B 133 -2.48 16.50 0.15
CA LEU B 133 -2.75 15.49 1.19
C LEU B 133 -4.18 15.56 1.69
N ASP B 134 -4.71 14.42 2.09
CA ASP B 134 -6.08 14.31 2.53
C ASP B 134 -6.10 14.23 4.03
N PHE B 135 -6.46 15.34 4.66
CA PHE B 135 -6.58 15.38 6.11
C PHE B 135 -8.00 15.31 6.61
N ALA B 136 -8.94 14.87 5.80
CA ALA B 136 -10.34 14.93 6.21
C ALA B 136 -10.65 14.08 7.42
N GLU B 137 -10.03 12.91 7.52
CA GLU B 137 -10.41 11.92 8.48
C GLU B 137 -9.20 11.29 9.05
N SER B 138 -9.40 10.61 10.17
CA SER B 138 -8.33 9.96 10.89
C SER B 138 -7.93 8.66 10.20
N GLY B 139 -6.67 8.31 10.37
CA GLY B 139 -6.13 7.08 9.85
C GLY B 139 -5.67 7.13 8.40
N GLN B 140 -5.59 8.31 7.80
CA GLN B 140 -5.27 8.42 6.38
C GLN B 140 -3.84 8.77 6.13
N VAL B 141 -3.22 9.44 7.10
CA VAL B 141 -1.86 9.88 7.01
C VAL B 141 -1.15 9.62 8.33
N TYR B 142 -0.09 8.83 8.29
CA TYR B 142 0.61 8.44 9.49
C TYR B 142 2.03 7.98 9.19
N PHE B 143 2.82 7.86 10.26
CA PHE B 143 4.26 7.59 10.20
C PHE B 143 4.59 6.90 11.48
N GLY B 144 5.14 5.70 11.37
CA GLY B 144 5.41 4.89 12.55
C GLY B 144 6.80 4.25 12.55
N VAL B 145 7.34 4.09 13.74
CA VAL B 145 8.57 3.36 13.94
C VAL B 145 8.33 2.54 15.16
N ILE B 146 8.57 1.24 15.09
CA ILE B 146 8.58 0.42 16.29
C ILE B 146 9.81 -0.51 16.41
N ALA B 147 10.44 -0.48 17.56
CA ALA B 147 11.55 -1.40 17.86
C ALA B 147 11.03 -2.82 17.99
N LEU B 148 11.60 -3.72 17.23
CA LEU B 148 11.31 -5.12 17.35
C LEU B 148 12.22 -5.75 18.39
N SER C 1 18.23 -8.57 17.09
CA SER C 1 19.68 -8.75 17.46
C SER C 1 20.09 -10.23 17.35
N ASP C 2 19.27 -11.11 17.91
CA ASP C 2 19.39 -12.57 17.72
C ASP C 2 18.37 -13.11 16.69
N LYS C 3 17.32 -12.33 16.40
CA LYS C 3 16.18 -12.75 15.57
C LYS C 3 16.57 -12.81 14.07
N PRO C 4 16.26 -13.95 13.39
CA PRO C 4 16.48 -14.04 11.93
C PRO C 4 15.77 -12.93 11.18
N VAL C 5 16.46 -12.37 10.20
CA VAL C 5 16.01 -11.16 9.58
C VAL C 5 16.55 -11.00 8.16
N ALA C 6 15.67 -10.53 7.27
CA ALA C 6 16.05 -10.22 5.91
C ALA C 6 15.28 -8.99 5.43
N HIS C 7 16.00 -8.07 4.79
CA HIS C 7 15.40 -6.99 4.07
C HIS C 7 16.26 -6.80 2.86
N VAL C 8 15.80 -7.35 1.75
CA VAL C 8 16.60 -7.40 0.55
C VAL C 8 16.03 -6.49 -0.52
N VAL C 9 16.90 -6.08 -1.45
CA VAL C 9 16.54 -5.07 -2.41
C VAL C 9 16.93 -5.51 -3.78
N ALA C 10 16.41 -4.83 -4.78
CA ALA C 10 16.55 -5.29 -6.15
C ALA C 10 17.87 -4.88 -6.74
N ASN C 11 18.43 -5.79 -7.53
CA ASN C 11 19.60 -5.50 -8.32
C ASN C 11 19.24 -4.51 -9.42
N HIS C 12 19.89 -3.34 -9.38
CA HIS C 12 19.67 -2.28 -10.37
C HIS C 12 20.34 -2.60 -11.71
N GLN C 13 21.35 -3.45 -11.68
CA GLN C 13 22.21 -3.69 -12.83
C GLN C 13 21.71 -4.76 -13.79
N VAL C 14 20.85 -5.67 -13.33
CA VAL C 14 20.24 -6.65 -14.23
C VAL C 14 18.84 -6.16 -14.60
N GLU C 15 18.60 -5.96 -15.89
CA GLU C 15 17.29 -5.51 -16.37
C GLU C 15 16.49 -6.74 -16.80
N GLU C 16 15.18 -6.65 -16.64
CA GLU C 16 14.25 -7.71 -17.05
C GLU C 16 14.37 -8.99 -16.20
N GLN C 17 14.83 -8.83 -14.96
CA GLN C 17 14.73 -9.90 -13.94
C GLN C 17 14.72 -9.19 -12.59
N LEU C 18 14.05 -9.79 -11.61
CA LEU C 18 14.00 -9.25 -10.24
C LEU C 18 14.90 -10.10 -9.35
N GLU C 19 16.14 -9.65 -9.16
CA GLU C 19 17.14 -10.39 -8.40
C GLU C 19 17.39 -9.65 -7.09
N TRP C 20 17.26 -10.37 -5.98
CA TRP C 20 17.39 -9.76 -4.66
C TRP C 20 18.84 -9.73 -4.14
N LEU C 21 19.18 -8.62 -3.46
CA LEU C 21 20.50 -8.39 -2.89
C LEU C 21 20.39 -8.06 -1.44
N SER C 22 21.43 -8.41 -0.67
CA SER C 22 21.52 -8.07 0.73
C SER C 22 22.66 -7.15 1.08
N GLN C 23 23.70 -7.09 0.27
CA GLN C 23 24.92 -6.39 0.69
C GLN C 23 24.91 -4.91 0.37
N ARG C 24 23.94 -4.19 0.90
CA ARG C 24 23.82 -2.77 0.62
C ARG C 24 23.36 -2.07 1.84
N ALA C 25 23.60 -0.76 1.90
CA ALA C 25 23.16 0.03 3.03
C ALA C 25 21.65 -0.13 3.21
N ASN C 26 21.22 -0.24 4.46
CA ASN C 26 19.81 -0.37 4.77
C ASN C 26 19.15 -1.61 4.21
N ALA C 27 19.96 -2.65 3.99
CA ALA C 27 19.50 -4.00 3.67
C ALA C 27 20.02 -4.95 4.74
N LEU C 28 19.42 -6.11 4.85
CA LEU C 28 19.71 -7.04 5.93
C LEU C 28 19.63 -8.47 5.47
N LEU C 29 20.56 -9.28 5.94
CA LEU C 29 20.45 -10.73 5.84
C LEU C 29 21.27 -11.32 6.98
N ALA C 30 20.62 -11.77 8.04
CA ALA C 30 21.32 -12.08 9.28
C ALA C 30 20.62 -13.13 10.12
N ASN C 31 21.39 -13.69 11.04
CA ASN C 31 20.89 -14.56 12.10
C ASN C 31 20.18 -15.78 11.60
N GLY C 32 20.68 -16.34 10.50
CA GLY C 32 20.13 -17.58 9.99
C GLY C 32 19.34 -17.46 8.69
N MET C 33 18.79 -16.28 8.40
CA MET C 33 18.08 -16.10 7.12
C MET C 33 19.07 -16.36 6.02
N ASP C 34 18.62 -17.03 4.98
CA ASP C 34 19.43 -17.34 3.84
C ASP C 34 18.77 -16.90 2.57
N LEU C 35 19.59 -16.46 1.62
CA LEU C 35 19.12 -16.08 0.33
C LEU C 35 19.68 -17.06 -0.67
N LYS C 36 18.86 -18.00 -1.15
CA LYS C 36 19.31 -19.05 -2.08
C LYS C 36 18.35 -19.19 -3.26
N ASP C 37 18.89 -19.10 -4.46
CA ASP C 37 18.12 -19.15 -5.71
C ASP C 37 17.03 -18.08 -5.72
N ASN C 38 17.42 -16.90 -5.22
CA ASN C 38 16.55 -15.74 -5.19
C ASN C 38 15.37 -15.86 -4.25
N GLN C 39 15.41 -16.85 -3.36
CA GLN C 39 14.37 -17.09 -2.40
C GLN C 39 14.94 -16.92 -1.01
N LEU C 40 14.10 -16.46 -0.10
CA LEU C 40 14.49 -16.33 1.28
C LEU C 40 14.12 -17.62 1.97
N VAL C 41 15.06 -18.16 2.74
CA VAL C 41 14.88 -19.45 3.37
C VAL C 41 14.97 -19.33 4.88
N VAL C 42 13.89 -19.77 5.51
CA VAL C 42 13.70 -19.62 6.92
C VAL C 42 14.54 -20.63 7.70
N PRO C 43 15.31 -20.15 8.68
CA PRO C 43 16.13 -21.05 9.47
C PRO C 43 15.40 -21.78 10.60
N ALA C 44 14.21 -21.34 11.01
CA ALA C 44 13.57 -21.89 12.23
C ALA C 44 12.08 -21.73 12.25
N ASP C 45 11.39 -22.71 12.82
CA ASP C 45 9.94 -22.60 13.05
C ASP C 45 9.65 -21.33 13.84
N GLY C 46 8.54 -20.65 13.52
CA GLY C 46 8.18 -19.42 14.21
C GLY C 46 7.25 -18.50 13.41
N LEU C 47 6.84 -17.40 14.05
CA LEU C 47 6.08 -16.33 13.39
C LEU C 47 7.00 -15.33 12.72
N TYR C 48 6.73 -15.05 11.46
CA TYR C 48 7.51 -14.04 10.74
C TYR C 48 6.65 -12.99 10.10
N LEU C 49 7.09 -11.74 10.19
CA LEU C 49 6.47 -10.70 9.43
C LEU C 49 7.08 -10.81 8.07
N VAL C 50 6.23 -10.91 7.05
CA VAL C 50 6.67 -11.03 5.66
C VAL C 50 6.07 -9.93 4.80
N TYR C 51 6.90 -9.28 3.99
CA TYR C 51 6.43 -8.13 3.23
C TYR C 51 7.27 -7.87 2.00
N SER C 52 6.68 -7.17 1.04
CA SER C 52 7.39 -6.77 -0.16
C SER C 52 6.73 -5.56 -0.81
N GLN C 53 7.57 -4.71 -1.42
CA GLN C 53 7.10 -3.62 -2.22
C GLN C 53 7.72 -3.66 -3.59
N VAL C 54 6.94 -3.29 -4.60
CA VAL C 54 7.46 -3.07 -5.92
C VAL C 54 6.86 -1.80 -6.44
N LEU C 55 7.62 -1.12 -7.30
CA LEU C 55 7.15 0.03 -8.00
C LEU C 55 7.29 -0.23 -9.48
N PHE C 56 6.19 -0.10 -10.21
CA PHE C 56 6.17 -0.33 -11.63
C PHE C 56 6.08 1.04 -12.27
N LYS C 57 6.58 1.17 -13.49
CA LYS C 57 6.55 2.39 -14.20
C LYS C 57 6.42 2.13 -15.67
N GLY C 58 5.98 3.14 -16.39
CA GLY C 58 5.85 3.02 -17.82
C GLY C 58 5.75 4.36 -18.47
N GLN C 59 5.91 4.35 -19.79
CA GLN C 59 5.88 5.55 -20.56
C GLN C 59 4.65 5.49 -21.43
N GLY C 60 3.63 6.21 -20.99
CA GLY C 60 2.34 6.15 -21.65
C GLY C 60 1.78 4.74 -21.69
N CYS C 61 0.74 4.58 -22.47
CA CYS C 61 -0.02 3.33 -22.48
C CYS C 61 -0.26 2.85 -23.91
N PRO C 62 0.81 2.37 -24.58
CA PRO C 62 0.62 1.81 -25.91
C PRO C 62 -0.26 0.59 -25.86
N ASP C 63 -0.23 -0.15 -24.76
CA ASP C 63 -1.03 -1.36 -24.61
C ASP C 63 -1.62 -1.52 -23.23
N TYR C 64 -2.74 -2.22 -23.19
CA TYR C 64 -3.29 -2.74 -21.95
C TYR C 64 -2.30 -3.70 -21.34
N VAL C 65 -2.17 -3.66 -20.02
CA VAL C 65 -1.24 -4.52 -19.32
C VAL C 65 -1.68 -4.74 -17.91
N LEU C 66 -1.51 -5.96 -17.43
CA LEU C 66 -1.77 -6.26 -16.03
C LEU C 66 -0.47 -6.63 -15.35
N LEU C 67 -0.29 -6.05 -14.17
CA LEU C 67 0.92 -6.21 -13.40
C LEU C 67 0.53 -6.96 -12.13
N THR C 68 1.32 -7.97 -11.77
CA THR C 68 1.07 -8.73 -10.57
C THR C 68 2.30 -8.74 -9.66
N HIS C 69 2.04 -8.93 -8.38
CA HIS C 69 3.06 -8.96 -7.38
C HIS C 69 2.61 -9.99 -6.38
N THR C 70 3.46 -10.94 -6.06
CA THR C 70 3.04 -12.09 -5.28
C THR C 70 4.15 -12.54 -4.37
N VAL C 71 3.85 -12.73 -3.10
CA VAL C 71 4.75 -13.39 -2.20
C VAL C 71 4.23 -14.78 -1.95
N SER C 72 5.09 -15.76 -2.19
CA SER C 72 4.71 -17.16 -2.16
C SER C 72 5.47 -17.93 -1.12
N ARG C 73 4.81 -18.96 -0.60
CA ARG C 73 5.45 -19.92 0.28
C ARG C 73 5.56 -21.30 -0.37
N PHE C 74 6.77 -21.84 -0.40
CA PHE C 74 7.01 -23.25 -0.77
C PHE C 74 7.37 -23.98 0.49
N ALA C 75 6.39 -24.61 1.10
CA ALA C 75 6.56 -25.12 2.43
C ALA C 75 7.04 -26.55 2.40
N ILE C 76 7.90 -26.89 3.35
CA ILE C 76 8.29 -28.28 3.63
C ILE C 76 7.04 -29.16 3.87
N SER C 77 6.09 -28.67 4.65
CA SER C 77 4.84 -29.35 4.91
C SER C 77 3.88 -29.50 3.73
N TYR C 78 4.11 -28.76 2.64
CA TYR C 78 3.20 -28.75 1.48
C TYR C 78 3.97 -28.28 0.26
N GLN C 79 4.47 -29.23 -0.51
CA GLN C 79 5.44 -28.95 -1.55
C GLN C 79 4.81 -28.43 -2.84
N GLU C 80 4.04 -27.36 -2.72
CA GLU C 80 3.49 -26.64 -3.85
C GLU C 80 3.66 -25.13 -3.54
N LYS C 81 3.80 -24.31 -4.59
CA LYS C 81 3.95 -22.88 -4.44
C LYS C 81 2.59 -22.30 -4.12
N VAL C 82 2.49 -21.58 -3.00
CA VAL C 82 1.22 -21.08 -2.51
C VAL C 82 1.29 -19.59 -2.15
N ASN C 83 0.30 -18.84 -2.60
CA ASN C 83 0.23 -17.42 -2.30
C ASN C 83 0.01 -17.12 -0.83
N LEU C 84 0.91 -16.37 -0.24
CA LEU C 84 0.70 -15.78 1.06
C LEU C 84 0.05 -14.40 0.91
N LEU C 85 0.59 -13.64 -0.06
CA LEU C 85 0.20 -12.28 -0.30
C LEU C 85 0.22 -12.01 -1.80
N SER C 86 -0.80 -11.33 -2.29
CA SER C 86 -0.90 -11.13 -3.73
C SER C 86 -1.73 -9.94 -4.13
N ALA C 87 -1.36 -9.32 -5.24
CA ALA C 87 -2.11 -8.19 -5.75
C ALA C 87 -1.86 -7.97 -7.21
N VAL C 88 -2.72 -7.16 -7.79
CA VAL C 88 -2.76 -6.92 -9.23
C VAL C 88 -3.02 -5.45 -9.49
N LYS C 89 -2.47 -4.94 -10.57
CA LYS C 89 -2.63 -3.55 -10.96
C LYS C 89 -2.87 -3.40 -12.45
N SER C 90 -3.64 -2.38 -12.80
CA SER C 90 -4.09 -2.19 -14.16
C SER C 90 -3.82 -0.76 -14.56
N PRO C 91 -2.59 -0.47 -14.96
CA PRO C 91 -2.16 0.94 -15.16
C PRO C 91 -2.72 1.62 -16.40
N CYS C 92 -3.12 0.84 -17.39
CA CYS C 92 -3.42 1.33 -18.73
C CYS C 92 -4.83 0.96 -19.23
N PRO C 93 -5.89 1.55 -18.62
CA PRO C 93 -7.27 1.26 -19.03
C PRO C 93 -7.60 1.60 -20.50
N LYS C 94 -7.21 2.80 -20.94
CA LYS C 94 -7.36 3.20 -22.34
C LYS C 94 -5.95 3.40 -22.93
N ASP C 95 -5.78 3.02 -24.19
CA ASP C 95 -4.52 3.23 -24.91
C ASP C 95 -4.33 4.72 -25.18
N THR C 96 -3.07 5.15 -25.14
CA THR C 96 -2.71 6.52 -25.45
C THR C 96 -3.01 6.70 -26.93
N PRO C 97 -3.77 7.76 -27.28
CA PRO C 97 -4.09 7.92 -28.71
C PRO C 97 -2.84 8.16 -29.57
N GLU C 98 -2.87 7.67 -30.82
CA GLU C 98 -1.76 7.85 -31.76
C GLU C 98 -1.39 9.33 -31.87
N GLY C 99 -0.11 9.65 -31.65
CA GLY C 99 0.39 11.03 -31.73
C GLY C 99 0.44 11.80 -30.42
N ALA C 100 -0.43 11.45 -29.46
CA ALA C 100 -0.47 12.12 -28.16
C ALA C 100 0.76 11.81 -27.32
N GLU C 101 0.97 12.63 -26.30
CA GLU C 101 2.13 12.52 -25.42
C GLU C 101 2.08 11.20 -24.62
N LEU C 102 3.23 10.52 -24.52
CA LEU C 102 3.36 9.33 -23.69
C LEU C 102 3.81 9.71 -22.26
N LYS C 103 2.84 10.03 -21.41
CA LYS C 103 3.15 10.53 -20.07
C LYS C 103 3.49 9.40 -19.12
N PRO C 104 4.51 9.60 -18.28
CA PRO C 104 4.94 8.51 -17.41
C PRO C 104 3.91 8.20 -16.39
N TRP C 105 3.78 6.92 -16.06
CA TRP C 105 2.93 6.48 -14.99
C TRP C 105 3.73 5.62 -14.00
N TYR C 106 3.22 5.54 -12.77
CA TYR C 106 3.85 4.79 -11.72
C TYR C 106 2.84 4.03 -10.94
N GLU C 107 3.15 2.81 -10.58
CA GLU C 107 2.25 2.03 -9.76
C GLU C 107 3.00 1.26 -8.66
N PRO C 108 2.92 1.74 -7.41
CA PRO C 108 3.46 0.99 -6.29
C PRO C 108 2.49 -0.06 -5.79
N ILE C 109 3.01 -1.15 -5.25
CA ILE C 109 2.21 -2.16 -4.57
C ILE C 109 2.94 -2.60 -3.32
N TYR C 110 2.22 -2.63 -2.20
CA TYR C 110 2.75 -3.13 -0.95
C TYR C 110 2.00 -4.35 -0.49
N LEU C 111 2.74 -5.33 0.01
CA LEU C 111 2.14 -6.55 0.53
C LEU C 111 2.81 -6.85 1.86
N GLY C 112 2.04 -7.32 2.82
CA GLY C 112 2.61 -7.53 4.13
C GLY C 112 1.69 -8.27 5.05
N GLY C 113 2.24 -9.27 5.70
CA GLY C 113 1.52 -9.97 6.75
C GLY C 113 2.39 -10.83 7.66
N VAL C 114 1.77 -11.34 8.71
CA VAL C 114 2.43 -12.23 9.66
C VAL C 114 2.05 -13.68 9.42
N PHE C 115 3.04 -14.54 9.35
CA PHE C 115 2.81 -15.95 9.02
C PHE C 115 3.63 -16.88 9.87
N GLN C 116 3.01 -18.01 10.21
CA GLN C 116 3.71 -19.09 10.86
C GLN C 116 4.46 -19.80 9.76
N LEU C 117 5.78 -19.87 9.91
CA LEU C 117 6.60 -20.57 8.96
C LEU C 117 7.45 -21.62 9.65
N GLU C 118 7.96 -22.54 8.84
CA GLU C 118 8.73 -23.67 9.32
C GLU C 118 10.15 -23.66 8.76
N LYS C 119 11.08 -24.18 9.55
CA LYS C 119 12.46 -24.32 9.12
C LYS C 119 12.49 -24.93 7.71
N GLY C 120 13.22 -24.29 6.80
CA GLY C 120 13.38 -24.78 5.44
C GLY C 120 12.39 -24.28 4.41
N ASP C 121 11.32 -23.63 4.88
CA ASP C 121 10.34 -23.02 3.98
C ASP C 121 10.97 -21.94 3.11
N GLN C 122 10.62 -21.93 1.84
CA GLN C 122 11.16 -21.00 0.85
C GLN C 122 10.15 -19.93 0.50
N LEU C 123 10.54 -18.67 0.64
CA LEU C 123 9.65 -17.57 0.31
C LEU C 123 10.19 -16.87 -0.89
N SER C 124 9.31 -16.55 -1.82
CA SER C 124 9.72 -15.81 -3.01
C SER C 124 8.80 -14.61 -3.19
N ALA C 125 9.38 -13.55 -3.75
CA ALA C 125 8.64 -12.33 -4.02
C ALA C 125 8.83 -12.03 -5.49
N GLU C 126 7.75 -12.03 -6.25
CA GLU C 126 7.84 -12.01 -7.70
C GLU C 126 6.82 -11.10 -8.35
N VAL C 127 7.15 -10.66 -9.55
CA VAL C 127 6.23 -9.94 -10.40
C VAL C 127 6.15 -10.70 -11.69
N ASN C 128 5.05 -10.53 -12.41
CA ASN C 128 4.93 -11.13 -13.72
C ASN C 128 5.80 -10.46 -14.78
N LEU C 129 5.96 -9.15 -14.72
CA LEU C 129 6.66 -8.41 -15.77
C LEU C 129 7.75 -7.48 -15.28
N PRO C 130 8.93 -8.03 -15.00
CA PRO C 130 10.04 -7.23 -14.48
C PRO C 130 10.48 -6.10 -15.38
N LYS C 131 10.21 -6.15 -16.66
CA LYS C 131 10.58 -5.03 -17.54
C LYS C 131 10.00 -3.69 -17.00
N TYR C 132 8.85 -3.76 -16.33
CA TYR C 132 8.20 -2.55 -15.85
C TYR C 132 8.67 -2.04 -14.51
N LEU C 133 9.60 -2.74 -13.86
CA LEU C 133 10.00 -2.35 -12.50
C LEU C 133 10.81 -1.09 -12.53
N ASP C 134 10.72 -0.31 -11.47
CA ASP C 134 11.42 0.99 -11.37
C ASP C 134 12.59 0.85 -10.44
N PHE C 135 13.78 0.80 -11.01
CA PHE C 135 15.01 0.67 -10.23
C PHE C 135 15.75 1.99 -10.12
N ALA C 136 15.13 3.11 -10.41
CA ALA C 136 15.88 4.38 -10.47
C ALA C 136 16.48 4.77 -9.13
N GLU C 137 15.79 4.49 -8.05
CA GLU C 137 16.18 5.00 -6.77
C GLU C 137 15.99 3.93 -5.74
N SER C 138 16.62 4.15 -4.60
CA SER C 138 16.55 3.23 -3.49
C SER C 138 15.22 3.31 -2.81
N GLY C 139 14.84 2.19 -2.23
CA GLY C 139 13.65 2.12 -1.40
C GLY C 139 12.39 1.90 -2.17
N GLN C 140 12.48 1.58 -3.45
CA GLN C 140 11.28 1.41 -4.30
C GLN C 140 10.86 -0.02 -4.46
N VAL C 141 11.83 -0.93 -4.32
CA VAL C 141 11.60 -2.36 -4.51
C VAL C 141 12.35 -3.15 -3.43
N TYR C 142 11.62 -3.93 -2.65
CA TYR C 142 12.21 -4.64 -1.54
C TYR C 142 11.33 -5.81 -1.10
N PHE C 143 11.92 -6.66 -0.26
CA PHE C 143 11.36 -7.94 0.12
C PHE C 143 11.96 -8.26 1.47
N GLY C 144 11.11 -8.46 2.48
CA GLY C 144 11.59 -8.64 3.84
C GLY C 144 10.91 -9.76 4.57
N VAL C 145 11.66 -10.41 5.45
CA VAL C 145 11.12 -11.41 6.36
C VAL C 145 11.78 -11.18 7.69
N ILE C 146 11.00 -10.99 8.74
CA ILE C 146 11.58 -10.88 10.06
C ILE C 146 10.87 -11.74 11.08
N ALA C 147 11.66 -12.49 11.83
CA ALA C 147 11.13 -13.31 12.92
C ALA C 147 10.67 -12.44 14.05
N LEU C 148 9.42 -12.61 14.45
CA LEU C 148 8.90 -11.92 15.60
C LEU C 148 9.17 -12.73 16.86
N VAL D 3 -17.13 -6.18 36.81
CA VAL D 3 -18.36 -5.40 37.15
C VAL D 3 -17.98 -4.21 38.06
N CYS D 4 -17.86 -3.06 37.42
CA CYS D 4 -17.91 -1.78 38.09
C CYS D 4 -19.29 -1.21 37.76
N PRO D 5 -19.78 -0.27 38.56
CA PRO D 5 -21.09 0.32 38.23
C PRO D 5 -21.09 1.12 36.93
N GLN D 6 -22.29 1.54 36.50
CA GLN D 6 -22.42 2.39 35.31
C GLN D 6 -21.68 3.70 35.56
N GLY D 7 -20.91 4.13 34.57
CA GLY D 7 -20.19 5.40 34.65
C GLY D 7 -18.80 5.25 35.19
N LYS D 8 -18.43 4.03 35.57
CA LYS D 8 -17.12 3.77 36.12
C LYS D 8 -16.44 2.62 35.38
N TYR D 9 -15.14 2.43 35.61
CA TYR D 9 -14.37 1.39 34.92
C TYR D 9 -13.32 0.77 35.83
N ILE D 10 -12.92 -0.45 35.54
CA ILE D 10 -11.95 -1.13 36.35
C ILE D 10 -10.57 -0.55 36.09
N HIS D 11 -9.86 -0.22 37.14
CA HIS D 11 -8.53 0.32 37.02
C HIS D 11 -7.68 -0.68 36.25
N PRO D 12 -7.03 -0.24 35.14
CA PRO D 12 -6.18 -1.15 34.36
C PRO D 12 -5.20 -2.03 35.17
N GLN D 13 -4.44 -1.43 36.10
CA GLN D 13 -3.45 -2.15 36.95
C GLN D 13 -3.92 -2.66 38.33
N ASP D 14 -5.22 -2.79 38.56
CA ASP D 14 -5.74 -3.27 39.87
C ASP D 14 -7.24 -3.59 39.85
N ASN D 15 -7.56 -4.88 39.75
CA ASN D 15 -8.96 -5.37 39.79
C ASN D 15 -9.77 -4.89 41.01
N SER D 16 -9.11 -4.51 42.09
CA SER D 16 -9.81 -4.01 43.30
C SER D 16 -10.49 -2.62 43.13
N ILE D 17 -9.96 -1.75 42.25
CA ILE D 17 -10.36 -0.34 42.20
C ILE D 17 -11.30 0.04 41.03
N CYS D 18 -12.41 0.73 41.33
CA CYS D 18 -13.30 1.27 40.29
C CYS D 18 -13.06 2.76 40.16
N CYS D 19 -13.01 3.22 38.91
CA CYS D 19 -12.61 4.56 38.58
C CYS D 19 -13.73 5.24 37.86
N THR D 20 -13.97 6.49 38.17
CA THR D 20 -15.05 7.21 37.48
C THR D 20 -14.56 7.65 36.11
N LYS D 21 -15.42 7.51 35.10
CA LYS D 21 -15.12 7.93 33.74
C LYS D 21 -15.09 9.42 33.57
N CYS D 22 -14.36 9.84 32.54
CA CYS D 22 -14.29 11.22 32.10
C CYS D 22 -15.50 11.61 31.26
N HIS D 23 -15.92 12.85 31.42
CA HIS D 23 -17.04 13.43 30.67
C HIS D 23 -16.56 13.77 29.24
N LYS D 24 -17.51 13.78 28.29
CA LYS D 24 -17.20 14.22 26.96
C LYS D 24 -16.66 15.62 27.01
N GLY D 25 -15.69 15.91 26.17
CA GLY D 25 -15.00 17.18 26.21
C GLY D 25 -13.70 17.04 26.92
N THR D 26 -13.51 15.89 27.59
CA THR D 26 -12.29 15.66 28.36
C THR D 26 -11.69 14.32 28.02
N TYR D 27 -10.45 14.13 28.45
CA TYR D 27 -9.81 12.84 28.33
C TYR D 27 -9.12 12.43 29.62
N LEU D 28 -8.76 11.16 29.69
CA LEU D 28 -8.07 10.63 30.82
C LEU D 28 -6.62 11.05 30.82
N TYR D 29 -6.27 11.98 31.67
CA TYR D 29 -4.88 12.31 31.90
C TYR D 29 -4.27 11.24 32.79
N ASN D 30 -5.04 10.81 33.80
CA ASN D 30 -4.61 9.80 34.71
C ASN D 30 -5.73 9.11 35.46
N ASP D 31 -5.63 7.79 35.57
CA ASP D 31 -6.60 6.96 36.29
C ASP D 31 -6.66 7.35 37.81
N CYS D 32 -7.66 6.90 38.56
CA CYS D 32 -7.59 7.07 40.02
C CYS D 32 -6.27 6.51 40.50
N PRO D 33 -5.59 7.21 41.40
CA PRO D 33 -4.44 6.60 42.00
C PRO D 33 -4.83 5.49 42.99
N GLY D 34 -6.07 5.47 43.47
CA GLY D 34 -6.45 4.48 44.48
C GLY D 34 -7.91 4.51 44.82
N PRO D 35 -8.37 3.58 45.65
CA PRO D 35 -9.84 3.43 45.82
C PRO D 35 -10.41 4.66 46.40
N GLY D 36 -11.58 5.04 45.91
CA GLY D 36 -12.24 6.27 46.33
C GLY D 36 -11.69 7.56 45.74
N GLN D 37 -10.54 7.51 45.07
CA GLN D 37 -9.90 8.74 44.61
C GLN D 37 -10.50 9.24 43.29
N ASP D 38 -10.28 10.52 43.03
CA ASP D 38 -10.76 11.15 41.83
C ASP D 38 -10.00 10.67 40.60
N THR D 39 -10.69 10.63 39.47
CA THR D 39 -10.04 10.46 38.20
C THR D 39 -9.54 11.80 37.68
N ASP D 40 -8.35 11.83 37.09
CA ASP D 40 -7.80 13.10 36.56
C ASP D 40 -8.15 13.25 35.07
N CYS D 41 -9.24 13.95 34.81
CA CYS D 41 -9.70 14.23 33.43
C CYS D 41 -9.31 15.64 33.05
N ARG D 42 -8.72 15.83 31.89
CA ARG D 42 -8.40 17.19 31.44
C ARG D 42 -9.07 17.50 30.11
N GLU D 43 -9.20 18.80 29.85
CA GLU D 43 -9.92 19.32 28.70
C GLU D 43 -9.16 18.99 27.41
N CYS D 44 -9.90 18.66 26.35
CA CYS D 44 -9.31 18.42 25.04
C CYS D 44 -8.66 19.68 24.49
N GLU D 45 -7.43 19.57 24.02
CA GLU D 45 -6.72 20.70 23.40
C GLU D 45 -7.38 21.06 22.07
N SER D 46 -7.10 22.24 21.61
CA SER D 46 -7.58 22.70 20.31
C SER D 46 -7.29 21.69 19.20
N GLY D 47 -8.26 21.47 18.34
CA GLY D 47 -8.11 20.58 17.21
C GLY D 47 -8.33 19.16 17.58
N SER D 48 -8.95 18.92 18.73
CA SER D 48 -9.27 17.55 19.13
C SER D 48 -10.56 17.53 19.93
N PHE D 49 -11.08 16.35 20.22
CA PHE D 49 -12.37 16.25 20.86
C PHE D 49 -12.63 14.86 21.41
N THR D 50 -13.65 14.77 22.26
CA THR D 50 -14.21 13.51 22.69
C THR D 50 -15.72 13.70 22.75
N ALA D 51 -16.47 12.78 22.20
CA ALA D 51 -17.91 12.99 22.06
C ALA D 51 -18.71 12.08 22.94
N SER D 52 -18.05 11.28 23.78
CA SER D 52 -18.79 10.49 24.73
C SER D 52 -17.98 10.32 25.98
N GLU D 53 -18.63 9.87 27.04
CA GLU D 53 -17.91 9.65 28.27
C GLU D 53 -16.91 8.58 27.95
N ASN D 54 -15.74 8.68 28.57
CA ASN D 54 -14.63 7.85 28.16
C ASN D 54 -13.56 7.70 29.21
N HIS D 55 -12.65 6.77 28.96
CA HIS D 55 -11.39 6.77 29.67
C HIS D 55 -10.28 6.56 28.70
N LEU D 56 -10.15 7.52 27.81
CA LEU D 56 -9.26 7.44 26.66
C LEU D 56 -8.06 8.32 26.90
N ARG D 57 -6.86 7.86 26.52
CA ARG D 57 -5.61 8.56 26.94
C ARG D 57 -5.32 9.82 26.19
N HIS D 58 -5.95 10.01 25.03
CA HIS D 58 -5.87 11.26 24.27
C HIS D 58 -7.15 11.57 23.54
N CYS D 59 -7.34 12.82 23.19
CA CYS D 59 -8.55 13.23 22.47
C CYS D 59 -8.42 12.84 21.01
N LEU D 60 -9.54 12.62 20.35
CA LEU D 60 -9.57 12.29 18.93
C LEU D 60 -9.26 13.50 18.08
N SER D 61 -8.64 13.29 16.91
CA SER D 61 -8.35 14.39 15.97
C SER D 61 -9.63 14.80 15.27
N CYS D 62 -9.88 16.09 15.19
CA CYS D 62 -11.04 16.60 14.51
C CYS D 62 -10.96 16.26 13.03
N SER D 63 -12.11 16.06 12.42
CA SER D 63 -12.16 15.86 10.99
C SER D 63 -12.22 17.20 10.29
N LYS D 64 -12.06 17.18 9.00
CA LYS D 64 -11.99 18.39 8.21
C LYS D 64 -12.95 18.18 7.04
N CYS D 65 -13.65 19.22 6.63
CA CYS D 65 -14.56 19.12 5.54
C CYS D 65 -13.79 18.83 4.25
N ARG D 66 -14.40 18.00 3.40
CA ARG D 66 -13.79 17.61 2.14
C ARG D 66 -14.12 18.58 1.02
N LYS D 67 -13.21 19.50 0.75
CA LYS D 67 -13.42 20.45 -0.32
C LYS D 67 -13.55 19.76 -1.68
N GLU D 68 -12.83 18.68 -1.86
CA GLU D 68 -12.88 17.92 -3.11
C GLU D 68 -14.25 17.29 -3.37
N MET D 69 -15.01 17.04 -2.31
CA MET D 69 -16.40 16.60 -2.40
C MET D 69 -17.43 17.75 -2.44
N GLY D 70 -16.97 18.98 -2.46
CA GLY D 70 -17.88 20.14 -2.42
C GLY D 70 -18.53 20.38 -1.09
N GLN D 71 -17.95 19.84 -0.02
CA GLN D 71 -18.55 19.98 1.30
C GLN D 71 -18.32 21.38 1.85
N VAL D 72 -19.15 21.78 2.80
CA VAL D 72 -18.96 23.02 3.50
C VAL D 72 -19.14 22.76 4.96
N GLU D 73 -18.52 23.60 5.78
CA GLU D 73 -18.55 23.42 7.22
C GLU D 73 -19.83 24.01 7.77
N ILE D 74 -20.57 23.19 8.50
CA ILE D 74 -21.70 23.64 9.28
C ILE D 74 -21.27 24.09 10.69
N SER D 75 -20.44 23.28 11.37
CA SER D 75 -19.93 23.59 12.71
C SER D 75 -18.47 23.20 12.81
N SER D 76 -17.63 24.11 13.30
CA SER D 76 -16.25 23.74 13.57
C SER D 76 -16.15 22.79 14.77
N CYS D 77 -15.02 22.10 14.83
CA CYS D 77 -14.73 21.19 15.92
C CYS D 77 -14.82 21.92 17.25
N THR D 78 -15.58 21.38 18.18
CA THR D 78 -15.51 21.82 19.58
C THR D 78 -14.94 20.65 20.39
N VAL D 79 -14.70 20.89 21.67
CA VAL D 79 -14.06 19.89 22.51
C VAL D 79 -14.90 18.66 22.74
N ASP D 80 -16.21 18.77 22.53
CA ASP D 80 -17.07 17.61 22.71
C ASP D 80 -17.86 17.22 21.48
N ARG D 81 -17.55 17.83 20.35
CA ARG D 81 -18.28 17.56 19.13
C ARG D 81 -17.33 17.69 17.93
N ASP D 82 -17.34 16.66 17.09
CA ASP D 82 -16.51 16.71 15.88
C ASP D 82 -17.07 17.74 14.91
N THR D 83 -16.18 18.26 14.05
CA THR D 83 -16.56 19.07 12.90
C THR D 83 -17.79 18.49 12.23
N VAL D 84 -18.70 19.37 11.81
CA VAL D 84 -19.88 18.90 11.10
C VAL D 84 -19.87 19.55 9.74
N CYS D 85 -20.06 18.70 8.73
CA CYS D 85 -19.94 19.12 7.35
C CYS D 85 -21.23 18.82 6.62
N GLY D 86 -21.53 19.61 5.61
CA GLY D 86 -22.65 19.32 4.76
C GLY D 86 -22.49 19.89 3.35
N CYS D 87 -23.63 20.18 2.71
CA CYS D 87 -23.67 20.66 1.35
C CYS D 87 -24.38 21.99 1.27
N ARG D 88 -24.34 22.61 0.10
CA ARG D 88 -24.93 23.92 -0.12
C ARG D 88 -26.41 23.80 -0.50
N LYS D 89 -27.06 24.95 -0.69
CA LYS D 89 -28.41 25.04 -1.27
C LYS D 89 -28.50 24.18 -2.52
N ASN D 90 -29.61 23.46 -2.64
CA ASN D 90 -29.90 22.70 -3.85
C ASN D 90 -28.85 21.68 -4.15
N GLN D 91 -28.35 21.03 -3.09
CA GLN D 91 -27.44 19.91 -3.22
C GLN D 91 -27.83 18.85 -2.24
N TYR D 92 -27.38 17.64 -2.47
CA TYR D 92 -27.61 16.58 -1.52
C TYR D 92 -26.34 15.84 -1.29
N ARG D 93 -26.32 15.08 -0.20
CA ARG D 93 -25.21 14.25 0.12
C ARG D 93 -25.40 12.86 -0.42
N HIS D 94 -24.42 12.39 -1.19
CA HIS D 94 -24.38 11.01 -1.58
C HIS D 94 -23.35 10.31 -0.73
N TYR D 95 -23.80 9.38 0.11
CA TYR D 95 -22.87 8.65 0.96
C TYR D 95 -22.28 7.50 0.22
N TRP D 96 -21.00 7.63 -0.12
CA TRP D 96 -20.21 6.52 -0.64
C TRP D 96 -19.92 5.51 0.44
N SER D 97 -19.90 5.94 1.69
CA SER D 97 -19.70 5.02 2.80
C SER D 97 -20.30 5.65 4.03
N GLU D 98 -20.31 4.89 5.11
CA GLU D 98 -20.65 5.38 6.45
C GLU D 98 -20.15 6.82 6.68
N ASN D 99 -18.92 7.12 6.33
CA ASN D 99 -18.35 8.44 6.61
C ASN D 99 -18.07 9.36 5.41
N LEU D 100 -17.86 8.79 4.24
CA LEU D 100 -17.53 9.59 3.08
C LEU D 100 -18.78 9.96 2.29
N PHE D 101 -18.97 11.25 2.03
CA PHE D 101 -20.06 11.67 1.21
C PHE D 101 -19.70 12.76 0.27
N GLN D 102 -20.40 12.81 -0.85
CA GLN D 102 -20.10 13.76 -1.90
C GLN D 102 -21.32 14.62 -2.13
N CYS D 103 -21.12 15.92 -2.29
CA CYS D 103 -22.19 16.87 -2.55
C CYS D 103 -22.49 16.90 -4.04
N PHE D 104 -23.72 16.59 -4.41
CA PHE D 104 -24.17 16.70 -5.79
C PHE D 104 -25.34 17.66 -5.90
N ASN D 105 -25.52 18.22 -7.08
CA ASN D 105 -26.68 19.07 -7.38
C ASN D 105 -27.92 18.29 -7.52
N CYS D 106 -29.01 18.81 -6.96
CA CYS D 106 -30.32 18.19 -7.09
C CYS D 106 -30.81 18.26 -8.52
N SER D 107 -31.46 17.20 -8.97
CA SER D 107 -32.04 17.19 -10.32
C SER D 107 -33.27 18.07 -10.36
N LEU D 108 -33.50 18.66 -11.53
CA LEU D 108 -34.68 19.49 -11.75
C LEU D 108 -35.88 18.77 -12.39
N CYS D 109 -35.70 17.53 -12.81
CA CYS D 109 -36.80 16.79 -13.45
C CYS D 109 -37.45 17.58 -14.58
N LEU D 110 -36.62 18.03 -15.50
CA LEU D 110 -37.12 18.67 -16.70
C LEU D 110 -37.82 17.66 -17.60
N ASN D 111 -38.90 18.13 -18.24
CA ASN D 111 -39.88 17.27 -18.94
C ASN D 111 -40.49 16.19 -18.08
N GLY D 112 -40.53 16.47 -16.79
CA GLY D 112 -41.14 15.56 -15.87
C GLY D 112 -41.73 16.29 -14.70
N THR D 113 -41.79 15.61 -13.57
CA THR D 113 -42.30 16.16 -12.36
C THR D 113 -41.48 15.61 -11.18
N VAL D 114 -41.30 16.46 -10.20
CA VAL D 114 -40.62 16.12 -9.01
C VAL D 114 -41.55 15.25 -8.20
N HIS D 115 -41.25 13.96 -8.17
CA HIS D 115 -42.08 12.99 -7.49
C HIS D 115 -41.77 12.99 -6.03
N LEU D 116 -40.49 13.15 -5.70
CA LEU D 116 -40.04 13.30 -4.31
C LEU D 116 -38.92 14.33 -4.28
N SER D 117 -39.07 15.34 -3.45
CA SER D 117 -38.14 16.46 -3.47
C SER D 117 -36.79 16.05 -2.94
N CYS D 118 -35.77 16.73 -3.45
CA CYS D 118 -34.40 16.59 -2.96
C CYS D 118 -34.41 16.56 -1.44
N GLN D 119 -33.64 15.67 -0.85
CA GLN D 119 -33.52 15.66 0.59
C GLN D 119 -32.05 15.79 0.95
N GLU D 120 -31.77 15.74 2.23
CA GLU D 120 -30.42 15.93 2.70
C GLU D 120 -29.47 14.90 2.09
N LYS D 121 -29.91 13.65 2.10
CA LYS D 121 -29.08 12.54 1.71
C LYS D 121 -29.53 11.80 0.49
N GLN D 122 -30.32 12.44 -0.36
CA GLN D 122 -31.02 11.75 -1.39
C GLN D 122 -31.39 12.74 -2.48
N ASN D 123 -31.10 12.41 -3.73
CA ASN D 123 -31.48 13.26 -4.86
C ASN D 123 -32.98 13.30 -5.09
N THR D 124 -33.41 14.32 -5.83
CA THR D 124 -34.76 14.42 -6.34
C THR D 124 -35.13 13.14 -7.09
N VAL D 125 -36.31 12.59 -6.85
CA VAL D 125 -36.84 11.50 -7.64
C VAL D 125 -37.81 12.07 -8.68
N CYS D 126 -37.47 11.92 -9.96
CA CYS D 126 -38.31 12.36 -11.05
C CYS D 126 -39.27 11.28 -11.56
N THR D 127 -40.39 11.70 -12.14
CA THR D 127 -41.23 10.82 -12.97
C THR D 127 -41.52 11.56 -14.23
N CYS D 128 -41.92 10.84 -15.26
CA CYS D 128 -42.18 11.46 -16.53
C CYS D 128 -43.63 11.29 -16.76
N HIS D 129 -44.16 12.14 -17.58
CA HIS D 129 -45.50 11.95 -18.05
C HIS D 129 -45.51 11.71 -19.57
N ALA D 130 -46.72 11.57 -20.10
CA ALA D 130 -46.90 11.04 -21.42
C ALA D 130 -45.98 11.68 -22.46
N GLY D 131 -45.34 10.82 -23.25
CA GLY D 131 -44.41 11.25 -24.29
C GLY D 131 -42.97 10.95 -23.91
N PHE D 132 -42.71 10.76 -22.62
CA PHE D 132 -41.36 10.52 -22.15
C PHE D 132 -41.31 9.33 -21.28
N PHE D 133 -40.09 8.85 -21.07
CA PHE D 133 -39.87 7.82 -20.11
C PHE D 133 -38.59 8.12 -19.36
N LEU D 134 -38.44 7.44 -18.24
CA LEU D 134 -37.38 7.66 -17.32
C LEU D 134 -36.18 6.75 -17.54
N ARG D 135 -35.02 7.37 -17.74
CA ARG D 135 -33.76 6.66 -17.86
C ARG D 135 -32.73 7.40 -17.00
N GLU D 136 -32.31 6.77 -15.90
CA GLU D 136 -31.34 7.34 -14.97
C GLU D 136 -31.82 8.71 -14.55
N ASN D 137 -33.03 8.71 -13.97
CA ASN D 137 -33.67 9.88 -13.37
C ASN D 137 -33.90 11.11 -14.25
N GLU D 138 -33.77 10.96 -15.55
CA GLU D 138 -34.02 12.03 -16.51
C GLU D 138 -35.11 11.55 -17.51
N CYS D 139 -35.95 12.47 -17.96
CA CYS D 139 -37.04 12.13 -18.84
C CYS D 139 -36.63 12.23 -20.30
N VAL D 140 -36.60 11.09 -20.99
CA VAL D 140 -36.21 11.03 -22.38
C VAL D 140 -37.45 10.81 -23.25
N SER D 141 -37.49 11.38 -24.46
CA SER D 141 -38.61 11.18 -25.41
C SER D 141 -38.77 9.72 -25.83
N SER D 142 -39.99 9.22 -25.69
CA SER D 142 -40.38 7.88 -26.17
C SER D 142 -40.16 7.69 -27.69
N SER D 143 -40.26 8.80 -28.42
CA SER D 143 -40.24 8.85 -29.88
C SER D 143 -39.01 9.58 -30.42
N CYS E 4 13.63 -39.29 7.44
CA CYS E 4 12.44 -40.20 7.39
C CYS E 4 12.23 -40.74 5.96
N PRO E 5 11.57 -41.92 5.82
CA PRO E 5 11.32 -42.43 4.46
C PRO E 5 10.34 -41.58 3.65
N GLN E 6 10.20 -41.90 2.36
CA GLN E 6 9.25 -41.23 1.49
C GLN E 6 7.83 -41.46 2.04
N GLY E 7 7.04 -40.39 2.12
CA GLY E 7 5.66 -40.47 2.60
C GLY E 7 5.50 -40.22 4.09
N LYS E 8 6.61 -40.02 4.79
CA LYS E 8 6.59 -39.75 6.23
C LYS E 8 7.38 -38.48 6.57
N TYR E 9 7.23 -37.98 7.79
CA TYR E 9 7.92 -36.75 8.22
C TYR E 9 8.34 -36.84 9.67
N ILE E 10 9.36 -36.05 10.04
CA ILE E 10 9.88 -36.09 11.39
C ILE E 10 8.90 -35.42 12.35
N HIS E 11 8.53 -36.11 13.42
CA HIS E 11 7.61 -35.54 14.40
C HIS E 11 8.21 -34.22 14.93
N PRO E 12 7.43 -33.12 14.90
CA PRO E 12 7.95 -31.81 15.37
C PRO E 12 8.62 -31.81 16.75
N GLN E 13 7.98 -32.40 17.76
CA GLN E 13 8.51 -32.47 19.14
C GLN E 13 9.32 -33.76 19.52
N ASP E 14 9.86 -34.49 18.54
CA ASP E 14 10.67 -35.69 18.84
C ASP E 14 11.38 -36.24 17.60
N ASN E 15 12.67 -35.90 17.47
CA ASN E 15 13.51 -36.39 16.36
C ASN E 15 13.49 -37.92 16.15
N SER E 16 13.16 -38.68 17.19
CA SER E 16 13.11 -40.16 17.09
C SER E 16 11.97 -40.71 16.20
N ILE E 17 10.84 -40.02 16.14
CA ILE E 17 9.60 -40.58 15.55
C ILE E 17 9.33 -40.12 14.12
N CYS E 18 9.00 -41.05 13.22
CA CYS E 18 8.54 -40.72 11.87
C CYS E 18 7.03 -40.90 11.77
N CYS E 19 6.38 -39.94 11.14
CA CYS E 19 4.94 -39.85 11.10
C CYS E 19 4.50 -39.97 9.67
N THR E 20 3.40 -40.69 9.45
CA THR E 20 2.90 -40.86 8.09
C THR E 20 2.16 -39.57 7.69
N LYS E 21 2.41 -39.10 6.48
CA LYS E 21 1.76 -37.90 5.96
C LYS E 21 0.30 -38.12 5.65
N CYS E 22 -0.45 -37.02 5.69
CA CYS E 22 -1.84 -37.00 5.35
C CYS E 22 -2.01 -37.04 3.85
N HIS E 23 -3.04 -37.74 3.42
CA HIS E 23 -3.37 -37.89 2.01
C HIS E 23 -4.02 -36.59 1.55
N LYS E 24 -3.87 -36.29 0.27
CA LYS E 24 -4.56 -35.16 -0.29
C LYS E 24 -6.05 -35.33 -0.03
N GLY E 25 -6.72 -34.22 0.24
CA GLY E 25 -8.12 -34.25 0.64
C GLY E 25 -8.26 -34.11 2.15
N THR E 26 -7.14 -34.22 2.85
CA THR E 26 -7.15 -34.15 4.28
C THR E 26 -6.06 -33.21 4.79
N TYR E 27 -6.15 -32.88 6.07
CA TYR E 27 -5.13 -32.11 6.72
C TYR E 27 -4.75 -32.69 8.06
N LEU E 28 -3.63 -32.22 8.58
CA LEU E 28 -3.13 -32.67 9.86
C LEU E 28 -3.92 -32.03 11.01
N TYR E 29 -4.81 -32.81 11.63
CA TYR E 29 -5.45 -32.40 12.88
C TYR E 29 -4.46 -32.60 14.02
N ASN E 30 -3.70 -33.71 13.98
CA ASN E 30 -2.70 -34.00 15.01
C ASN E 30 -1.65 -35.05 14.63
N ASP E 31 -0.44 -34.88 15.18
CA ASP E 31 0.76 -35.59 14.71
C ASP E 31 0.65 -37.12 14.74
N THR E 39 -1.21 -41.29 12.26
CA THR E 39 -1.47 -39.83 12.14
C THR E 39 -2.96 -39.45 12.09
N ASP E 40 -3.35 -38.39 12.81
CA ASP E 40 -4.75 -37.94 12.82
C ASP E 40 -5.01 -36.90 11.71
N CYS E 41 -5.44 -37.40 10.57
CA CYS E 41 -5.78 -36.56 9.43
C CYS E 41 -7.27 -36.42 9.34
N ARG E 42 -7.76 -35.20 9.17
CA ARG E 42 -9.19 -35.00 9.03
C ARG E 42 -9.51 -34.39 7.65
N GLU E 43 -10.74 -34.61 7.20
CA GLU E 43 -11.19 -34.18 5.88
C GLU E 43 -11.26 -32.65 5.80
N CYS E 44 -10.94 -32.10 4.63
CA CYS E 44 -11.04 -30.66 4.39
C CYS E 44 -12.50 -30.22 4.41
N GLU E 45 -12.80 -29.13 5.15
CA GLU E 45 -14.17 -28.59 5.20
C GLU E 45 -14.52 -27.94 3.86
N SER E 46 -15.82 -27.74 3.64
CA SER E 46 -16.33 -27.11 2.40
C SER E 46 -15.61 -25.77 2.15
N GLY E 47 -15.25 -25.53 0.89
CA GLY E 47 -14.58 -24.32 0.49
C GLY E 47 -13.08 -24.34 0.77
N SER E 48 -12.52 -25.53 1.01
CA SER E 48 -11.08 -25.65 1.15
C SER E 48 -10.60 -26.98 0.58
N PHE E 49 -9.28 -27.16 0.50
CA PHE E 49 -8.74 -28.32 -0.16
C PHE E 49 -7.28 -28.53 0.21
N THR E 50 -6.78 -29.73 -0.10
CA THR E 50 -5.36 -30.00 -0.17
C THR E 50 -5.11 -30.88 -1.39
N ALA E 51 -4.12 -30.54 -2.20
CA ALA E 51 -3.93 -31.22 -3.48
C ALA E 51 -2.67 -32.05 -3.50
N SER E 52 -1.96 -32.14 -2.38
CA SER E 52 -0.81 -33.02 -2.29
C SER E 52 -0.75 -33.63 -0.92
N GLU E 53 0.01 -34.70 -0.78
CA GLU E 53 0.22 -35.28 0.52
C GLU E 53 0.86 -34.20 1.32
N ASN E 54 0.53 -34.15 2.60
CA ASN E 54 0.93 -33.02 3.40
C ASN E 54 0.94 -33.32 4.89
N HIS E 55 1.55 -32.42 5.65
CA HIS E 55 1.29 -32.36 7.08
C HIS E 55 1.06 -30.92 7.49
N LEU E 56 -0.03 -30.37 6.95
CA LEU E 56 -0.37 -28.97 7.04
C LEU E 56 -1.49 -28.81 8.03
N ARG E 57 -1.45 -27.77 8.86
CA ARG E 57 -2.38 -27.66 9.98
C ARG E 57 -3.82 -27.28 9.58
N HIS E 58 -3.99 -26.73 8.37
CA HIS E 58 -5.32 -26.40 7.83
C HIS E 58 -5.35 -26.52 6.33
N CYS E 59 -6.54 -26.66 5.77
CA CYS E 59 -6.70 -26.78 4.33
C CYS E 59 -6.57 -25.41 3.65
N LEU E 60 -6.15 -25.41 2.40
CA LEU E 60 -6.02 -24.19 1.59
C LEU E 60 -7.38 -23.68 1.15
N SER E 61 -7.50 -22.36 0.96
CA SER E 61 -8.74 -21.77 0.45
C SER E 61 -8.87 -22.04 -1.04
N CYS E 62 -10.07 -22.42 -1.48
CA CYS E 62 -10.32 -22.65 -2.89
C CYS E 62 -10.25 -21.33 -3.65
N SER E 63 -9.84 -21.40 -4.91
CA SER E 63 -9.86 -20.24 -5.75
C SER E 63 -11.23 -20.13 -6.43
N LYS E 64 -11.45 -19.03 -7.12
CA LYS E 64 -12.74 -18.72 -7.67
C LYS E 64 -12.48 -18.23 -9.09
N CYS E 65 -13.37 -18.54 -10.03
CA CYS E 65 -13.18 -18.11 -11.39
C CYS E 65 -13.33 -16.61 -11.47
N ARG E 66 -12.52 -16.01 -12.34
CA ARG E 66 -12.53 -14.58 -12.52
C ARG E 66 -13.55 -14.17 -13.57
N LYS E 67 -14.73 -13.78 -13.12
CA LYS E 67 -15.75 -13.32 -14.05
C LYS E 67 -15.26 -12.10 -14.83
N GLU E 68 -14.46 -11.24 -14.20
CA GLU E 68 -13.95 -10.04 -14.87
C GLU E 68 -13.00 -10.36 -16.05
N MET E 69 -12.32 -11.51 -15.97
CA MET E 69 -11.53 -12.00 -17.08
C MET E 69 -12.34 -12.82 -18.14
N GLY E 70 -13.66 -12.93 -17.98
CA GLY E 70 -14.47 -13.77 -18.83
C GLY E 70 -14.30 -15.26 -18.61
N GLN E 71 -13.80 -15.66 -17.46
CA GLN E 71 -13.56 -17.06 -17.20
C GLN E 71 -14.83 -17.78 -16.89
N VAL E 72 -14.81 -19.10 -17.05
CA VAL E 72 -15.95 -19.94 -16.66
C VAL E 72 -15.41 -21.13 -15.90
N GLU E 73 -16.23 -21.67 -15.01
CA GLU E 73 -15.83 -22.78 -14.17
C GLU E 73 -15.93 -24.09 -14.93
N ILE E 74 -14.83 -24.84 -14.97
CA ILE E 74 -14.80 -26.18 -15.52
C ILE E 74 -15.10 -27.20 -14.43
N SER E 75 -14.46 -27.06 -13.27
CA SER E 75 -14.69 -27.95 -12.11
C SER E 75 -14.74 -27.15 -10.83
N SER E 76 -15.74 -27.36 -10.00
CA SER E 76 -15.77 -26.74 -8.68
C SER E 76 -14.71 -27.35 -7.77
N CYS E 77 -14.39 -26.59 -6.74
CA CYS E 77 -13.45 -27.02 -5.72
C CYS E 77 -13.93 -28.32 -5.11
N THR E 78 -13.06 -29.32 -5.05
CA THR E 78 -13.29 -30.50 -4.24
C THR E 78 -12.26 -30.52 -3.15
N VAL E 79 -12.35 -31.50 -2.27
CA VAL E 79 -11.47 -31.54 -1.13
C VAL E 79 -10.04 -31.83 -1.49
N ASP E 80 -9.81 -32.37 -2.68
CA ASP E 80 -8.42 -32.66 -3.10
C ASP E 80 -8.02 -31.98 -4.40
N ARG E 81 -8.86 -31.09 -4.90
CA ARG E 81 -8.58 -30.42 -6.15
C ARG E 81 -9.13 -28.99 -6.11
N ASP E 82 -8.28 -28.03 -6.48
CA ASP E 82 -8.72 -26.66 -6.53
C ASP E 82 -9.66 -26.46 -7.70
N THR E 83 -10.54 -25.48 -7.57
CA THR E 83 -11.38 -25.00 -8.68
C THR E 83 -10.58 -24.93 -9.97
N VAL E 84 -11.21 -25.31 -11.08
CA VAL E 84 -10.56 -25.23 -12.37
C VAL E 84 -11.40 -24.36 -13.26
N CYS E 85 -10.71 -23.43 -13.93
CA CYS E 85 -11.37 -22.39 -14.68
C CYS E 85 -10.84 -22.39 -16.10
N GLY E 86 -11.66 -21.94 -17.04
CA GLY E 86 -11.21 -21.79 -18.40
C GLY E 86 -11.98 -20.74 -19.14
N CYS E 87 -12.02 -20.89 -20.46
CA CYS E 87 -12.70 -19.92 -21.33
C CYS E 87 -13.81 -20.60 -22.11
N ARG E 88 -14.57 -19.81 -22.85
CA ARG E 88 -15.66 -20.32 -23.67
C ARG E 88 -15.20 -20.75 -25.07
N LYS E 89 -16.13 -21.29 -25.85
CA LYS E 89 -15.93 -21.56 -27.28
C LYS E 89 -15.29 -20.36 -27.95
N ASN E 90 -14.32 -20.62 -28.83
CA ASN E 90 -13.72 -19.58 -29.66
C ASN E 90 -13.07 -18.48 -28.86
N GLN E 91 -12.41 -18.90 -27.77
CA GLN E 91 -11.64 -18.00 -26.96
C GLN E 91 -10.40 -18.69 -26.60
N TYR E 92 -9.40 -17.91 -26.22
CA TYR E 92 -8.17 -18.48 -25.71
C TYR E 92 -7.75 -17.77 -24.44
N ARG E 93 -6.90 -18.45 -23.69
CA ARG E 93 -6.37 -17.94 -22.47
C ARG E 93 -5.08 -17.21 -22.74
N HIS E 94 -5.03 -15.95 -22.31
CA HIS E 94 -3.80 -15.20 -22.27
C HIS E 94 -3.32 -15.16 -20.83
N TYR E 95 -2.21 -15.84 -20.55
CA TYR E 95 -1.62 -15.83 -19.22
C TYR E 95 -0.81 -14.57 -18.99
N TRP E 96 -1.36 -13.67 -18.18
CA TRP E 96 -0.65 -12.49 -17.71
C TRP E 96 0.41 -12.90 -16.71
N SER E 97 0.19 -14.02 -16.04
CA SER E 97 1.17 -14.55 -15.12
C SER E 97 0.96 -16.04 -15.00
N GLU E 98 1.85 -16.69 -14.26
CA GLU E 98 1.72 -18.08 -13.87
C GLU E 98 0.25 -18.43 -13.56
N ASN E 99 -0.44 -17.59 -12.79
CA ASN E 99 -1.82 -17.92 -12.35
C ASN E 99 -2.94 -17.10 -12.92
N LEU E 100 -2.66 -15.87 -13.32
CA LEU E 100 -3.70 -15.01 -13.83
C LEU E 100 -3.81 -15.18 -15.34
N PHE E 101 -5.01 -15.43 -15.84
CA PHE E 101 -5.23 -15.42 -17.28
C PHE E 101 -6.52 -14.74 -17.67
N GLN E 102 -6.54 -14.20 -18.86
CA GLN E 102 -7.70 -13.50 -19.36
C GLN E 102 -8.20 -14.21 -20.64
N CYS E 103 -9.52 -14.35 -20.74
CA CYS E 103 -10.16 -14.95 -21.91
C CYS E 103 -10.33 -13.92 -23.00
N PHE E 104 -9.74 -14.16 -24.15
CA PHE E 104 -9.93 -13.30 -25.32
C PHE E 104 -10.54 -14.09 -26.46
N ASN E 105 -11.22 -13.38 -27.35
CA ASN E 105 -11.77 -13.99 -28.56
C ASN E 105 -10.72 -14.29 -29.58
N CYS E 106 -10.82 -15.47 -30.19
CA CYS E 106 -9.88 -15.86 -31.22
C CYS E 106 -9.99 -14.94 -32.37
N SER E 107 -8.86 -14.63 -32.97
CA SER E 107 -8.86 -13.80 -34.15
CA SER E 107 -8.87 -13.77 -34.16
C SER E 107 -9.44 -14.52 -35.34
N LEU E 108 -10.11 -13.77 -36.20
CA LEU E 108 -10.70 -14.33 -37.39
C LEU E 108 -9.86 -14.17 -38.63
N CYS E 109 -8.76 -13.44 -38.53
CA CYS E 109 -7.86 -13.26 -39.66
C CYS E 109 -8.63 -12.75 -40.87
N LEU E 110 -9.39 -11.68 -40.66
CA LEU E 110 -10.06 -11.01 -41.76
C LEU E 110 -9.03 -10.32 -42.60
N ASN E 111 -9.30 -10.26 -43.91
CA ASN E 111 -8.34 -9.82 -44.92
C ASN E 111 -7.08 -10.67 -44.92
N GLY E 112 -7.20 -11.89 -44.41
CA GLY E 112 -6.06 -12.78 -44.28
C GLY E 112 -6.49 -14.23 -44.30
N THR E 113 -5.79 -15.06 -43.53
CA THR E 113 -5.97 -16.47 -43.60
C THR E 113 -5.55 -17.10 -42.30
N VAL E 114 -6.36 -18.02 -41.79
CA VAL E 114 -6.04 -18.73 -40.58
C VAL E 114 -4.97 -19.69 -40.92
N HIS E 115 -3.76 -19.40 -40.47
CA HIS E 115 -2.62 -20.25 -40.70
C HIS E 115 -2.61 -21.37 -39.70
N LEU E 116 -2.95 -21.08 -38.46
CA LEU E 116 -2.99 -22.08 -37.39
C LEU E 116 -4.17 -21.73 -36.50
N SER E 117 -5.03 -22.68 -36.25
CA SER E 117 -6.25 -22.39 -35.53
CA SER E 117 -6.26 -22.40 -35.55
C SER E 117 -6.01 -22.08 -34.07
N CYS E 118 -6.90 -21.29 -33.52
CA CYS E 118 -6.92 -20.98 -32.11
C CYS E 118 -6.70 -22.18 -31.24
N GLN E 119 -5.94 -22.04 -30.16
CA GLN E 119 -5.79 -23.10 -29.17
C GLN E 119 -6.16 -22.64 -27.77
N GLU E 120 -6.01 -23.53 -26.79
CA GLU E 120 -6.38 -23.23 -25.43
C GLU E 120 -5.67 -21.99 -24.93
N LYS E 121 -4.37 -21.93 -25.13
CA LYS E 121 -3.55 -20.87 -24.56
C LYS E 121 -2.86 -20.03 -25.60
N GLN E 122 -3.42 -19.97 -26.79
CA GLN E 122 -2.73 -19.36 -27.89
C GLN E 122 -3.76 -18.91 -28.94
N ASN E 123 -3.68 -17.66 -29.33
CA ASN E 123 -4.54 -17.14 -30.35
C ASN E 123 -4.29 -17.77 -31.72
N THR E 124 -5.26 -17.60 -32.59
CA THR E 124 -5.14 -17.91 -33.99
C THR E 124 -3.91 -17.27 -34.54
N VAL E 125 -3.14 -17.99 -35.37
CA VAL E 125 -2.05 -17.38 -36.12
C VAL E 125 -2.52 -17.04 -37.52
N CYS E 126 -2.57 -15.75 -37.82
CA CYS E 126 -2.98 -15.26 -39.10
C CYS E 126 -1.82 -14.99 -39.98
N THR E 127 -2.08 -14.98 -41.28
CA THR E 127 -1.23 -14.33 -42.23
C THR E 127 -2.15 -13.36 -42.93
N CYS E 128 -1.59 -12.41 -43.66
CA CYS E 128 -2.39 -11.38 -44.29
C CYS E 128 -2.31 -11.40 -45.79
N HIS E 129 -3.41 -11.04 -46.45
CA HIS E 129 -3.45 -10.91 -47.91
C HIS E 129 -2.64 -9.71 -48.35
N ALA E 130 -2.27 -9.69 -49.63
CA ALA E 130 -1.55 -8.56 -50.23
C ALA E 130 -2.26 -7.24 -49.93
N GLY E 131 -1.49 -6.25 -49.49
CA GLY E 131 -2.04 -4.96 -49.11
C GLY E 131 -2.08 -4.75 -47.62
N PHE E 132 -2.03 -5.83 -46.84
CA PHE E 132 -2.18 -5.71 -45.41
C PHE E 132 -1.01 -6.29 -44.67
N PHE E 133 -0.92 -5.92 -43.41
CA PHE E 133 0.02 -6.49 -42.48
C PHE E 133 -0.62 -6.59 -41.11
N LEU E 134 0.04 -7.30 -40.23
CA LEU E 134 -0.50 -7.59 -38.90
C LEU E 134 -0.19 -6.52 -37.86
N ARG E 135 -1.26 -6.03 -37.23
CA ARG E 135 -1.15 -5.20 -36.05
C ARG E 135 -2.23 -5.53 -35.06
N GLU E 136 -1.83 -5.91 -33.83
CA GLU E 136 -2.74 -6.48 -32.82
C GLU E 136 -3.38 -7.77 -33.35
N ASN E 137 -2.58 -8.56 -34.06
CA ASN E 137 -3.04 -9.78 -34.77
C ASN E 137 -4.33 -9.61 -35.65
N GLU E 138 -4.54 -8.41 -36.16
CA GLU E 138 -5.56 -8.15 -37.15
C GLU E 138 -4.84 -7.63 -38.40
N CYS E 139 -5.38 -7.92 -39.56
CA CYS E 139 -4.75 -7.50 -40.78
C CYS E 139 -5.18 -6.09 -41.15
N VAL E 140 -4.25 -5.15 -41.16
CA VAL E 140 -4.55 -3.74 -41.48
C VAL E 140 -3.79 -3.25 -42.68
N SER E 141 -4.33 -2.21 -43.33
CA SER E 141 -3.83 -1.72 -44.65
C SER E 141 -2.41 -1.10 -44.64
N VAL F 3 32.04 12.26 22.85
CA VAL F 3 33.04 13.22 22.27
C VAL F 3 34.26 12.44 21.80
N CYS F 4 34.29 12.19 20.50
CA CYS F 4 35.47 11.80 19.78
C CYS F 4 35.85 13.00 18.93
N PRO F 5 37.12 13.10 18.54
CA PRO F 5 37.50 14.21 17.64
C PRO F 5 36.83 14.15 16.25
N GLN F 6 37.03 15.20 15.47
CA GLN F 6 36.53 15.27 14.10
C GLN F 6 37.16 14.13 13.30
N GLY F 7 36.32 13.43 12.54
CA GLY F 7 36.80 12.37 11.66
C GLY F 7 36.78 11.01 12.31
N LYS F 8 36.37 10.95 13.58
CA LYS F 8 36.36 9.69 14.32
C LYS F 8 35.00 9.49 14.98
N TYR F 9 34.74 8.30 15.47
CA TYR F 9 33.46 7.97 16.06
C TYR F 9 33.62 7.02 17.26
N ILE F 10 32.64 7.03 18.16
CA ILE F 10 32.69 6.21 19.35
C ILE F 10 32.44 4.76 18.97
N HIS F 11 33.33 3.86 19.39
CA HIS F 11 33.16 2.45 19.12
C HIS F 11 31.81 2.03 19.68
N PRO F 12 30.97 1.38 18.87
CA PRO F 12 29.63 0.97 19.36
C PRO F 12 29.63 0.25 20.71
N GLN F 13 30.49 -0.77 20.87
CA GLN F 13 30.54 -1.58 22.12
C GLN F 13 31.59 -1.16 23.17
N ASP F 14 32.06 0.08 23.13
CA ASP F 14 33.03 0.53 24.14
C ASP F 14 33.22 2.04 24.09
N ASN F 15 32.54 2.74 25.01
CA ASN F 15 32.65 4.20 25.12
C ASN F 15 34.12 4.72 25.26
N SER F 16 35.06 3.88 25.69
CA SER F 16 36.47 4.29 25.83
C SER F 16 37.20 4.54 24.49
N ILE F 17 36.83 3.83 23.43
CA ILE F 17 37.61 3.80 22.18
C ILE F 17 37.06 4.73 21.08
N CYS F 18 37.93 5.52 20.47
CA CYS F 18 37.57 6.29 19.28
C CYS F 18 38.13 5.64 18.02
N CYS F 19 37.30 5.58 17.00
CA CYS F 19 37.59 4.87 15.78
C CYS F 19 37.63 5.84 14.62
N THR F 20 38.58 5.69 13.72
CA THR F 20 38.67 6.59 12.57
C THR F 20 37.61 6.20 11.56
N LYS F 21 36.95 7.19 11.00
CA LYS F 21 35.94 6.95 9.99
C LYS F 21 36.54 6.52 8.68
N CYS F 22 35.72 5.83 7.92
CA CYS F 22 36.02 5.43 6.57
C CYS F 22 35.87 6.61 5.60
N HIS F 23 36.77 6.65 4.62
CA HIS F 23 36.78 7.65 3.58
C HIS F 23 35.68 7.33 2.58
N LYS F 24 35.18 8.36 1.90
CA LYS F 24 34.20 8.14 0.83
C LYS F 24 34.83 7.22 -0.19
N GLY F 25 34.02 6.33 -0.76
CA GLY F 25 34.53 5.34 -1.65
C GLY F 25 34.69 4.03 -0.93
N THR F 26 34.58 4.06 0.41
CA THR F 26 34.75 2.84 1.20
C THR F 26 33.62 2.69 2.20
N TYR F 27 33.53 1.51 2.79
CA TYR F 27 32.61 1.27 3.86
C TYR F 27 33.25 0.52 5.03
N LEU F 28 32.55 0.52 6.16
CA LEU F 28 33.01 -0.15 7.35
C LEU F 28 32.81 -1.63 7.24
N TYR F 29 33.90 -2.34 7.02
CA TYR F 29 33.88 -3.80 7.15
C TYR F 29 33.87 -4.20 8.64
N ASN F 30 34.68 -3.49 9.43
CA ASN F 30 34.77 -3.73 10.87
C ASN F 30 35.35 -2.55 11.60
N ASP F 31 34.80 -2.29 12.78
CA ASP F 31 35.28 -1.25 13.67
C ASP F 31 36.75 -1.50 14.13
N CYS F 32 37.45 -0.50 14.70
CA CYS F 32 38.74 -0.80 15.34
C CYS F 32 38.53 -1.97 16.26
N PRO F 33 39.46 -2.92 16.27
CA PRO F 33 39.42 -3.92 17.33
C PRO F 33 39.82 -3.34 18.71
N GLY F 34 40.48 -2.20 18.76
CA GLY F 34 40.84 -1.63 20.06
C GLY F 34 41.50 -0.28 19.94
N PRO F 35 41.80 0.34 21.08
CA PRO F 35 42.31 1.72 21.01
C PRO F 35 43.57 1.78 20.18
N GLY F 36 43.72 2.84 19.40
CA GLY F 36 44.91 3.03 18.55
C GLY F 36 45.01 2.08 17.36
N GLN F 37 44.02 1.23 17.15
CA GLN F 37 44.03 0.36 16.00
C GLN F 37 43.35 0.96 14.75
N ASP F 38 43.70 0.41 13.59
CA ASP F 38 43.12 0.79 12.34
C ASP F 38 41.67 0.38 12.21
N THR F 39 40.88 1.17 11.50
CA THR F 39 39.53 0.79 11.15
C THR F 39 39.60 0.00 9.87
N ASP F 40 38.84 -1.08 9.77
CA ASP F 40 38.86 -1.91 8.56
C ASP F 40 37.81 -1.42 7.55
N CYS F 41 38.23 -0.53 6.67
CA CYS F 41 37.40 0.03 5.61
C CYS F 41 37.69 -0.66 4.30
N ARG F 42 36.68 -1.11 3.60
CA ARG F 42 36.93 -1.74 2.32
C ARG F 42 36.25 -0.97 1.21
N GLU F 43 36.77 -1.15 0.01
CA GLU F 43 36.29 -0.46 -1.18
C GLU F 43 34.86 -0.90 -1.52
N CYS F 44 34.05 0.05 -2.00
CA CYS F 44 32.69 -0.25 -2.46
C CYS F 44 32.74 -1.13 -3.69
N GLU F 45 31.94 -2.19 -3.69
CA GLU F 45 31.83 -3.08 -4.85
C GLU F 45 31.11 -2.35 -6.00
N SER F 46 31.31 -2.85 -7.23
CA SER F 46 30.63 -2.32 -8.39
C SER F 46 29.12 -2.19 -8.17
N GLY F 47 28.56 -1.06 -8.62
CA GLY F 47 27.13 -0.81 -8.48
C GLY F 47 26.74 -0.29 -7.10
N SER F 48 27.73 0.21 -6.34
CA SER F 48 27.45 0.82 -5.09
C SER F 48 28.44 1.92 -4.83
N PHE F 49 28.20 2.71 -3.80
CA PHE F 49 29.05 3.86 -3.54
C PHE F 49 28.87 4.37 -2.11
N THR F 50 29.78 5.23 -1.70
CA THR F 50 29.60 6.09 -0.54
C THR F 50 30.16 7.47 -0.89
N ALA F 51 29.43 8.53 -0.58
CA ALA F 51 29.82 9.86 -1.03
C ALA F 51 30.28 10.75 0.09
N SER F 52 30.36 10.22 1.29
CA SER F 52 30.92 11.00 2.38
C SER F 52 31.63 10.09 3.32
N GLU F 53 32.44 10.68 4.18
CA GLU F 53 33.12 9.87 5.15
C GLU F 53 32.04 9.25 6.00
N ASN F 54 32.27 8.03 6.45
CA ASN F 54 31.20 7.27 7.07
C ASN F 54 31.68 6.14 7.95
N HIS F 55 30.77 5.57 8.72
CA HIS F 55 31.00 4.27 9.31
C HIS F 55 29.80 3.41 9.14
N LEU F 56 29.53 3.12 7.88
CA LEU F 56 28.33 2.46 7.43
C LEU F 56 28.67 1.05 7.04
N ARG F 57 27.82 0.10 7.41
CA ARG F 57 28.16 -1.32 7.28
C ARG F 57 28.11 -1.86 5.80
N HIS F 58 27.47 -1.13 4.89
CA HIS F 58 27.48 -1.45 3.44
C HIS F 58 27.38 -0.22 2.60
N CYS F 59 27.81 -0.32 1.34
CA CYS F 59 27.75 0.80 0.42
C CYS F 59 26.30 1.00 -0.08
N LEU F 60 25.96 2.22 -0.44
CA LEU F 60 24.64 2.55 -0.97
C LEU F 60 24.48 2.03 -2.38
N SER F 61 23.27 1.69 -2.78
CA SER F 61 22.99 1.30 -4.17
C SER F 61 22.99 2.50 -5.09
N CYS F 62 23.64 2.38 -6.23
CA CYS F 62 23.67 3.47 -7.18
C CYS F 62 22.27 3.72 -7.72
N SER F 63 21.99 4.96 -8.08
CA SER F 63 20.75 5.26 -8.71
C SER F 63 20.91 5.07 -10.21
N LYS F 64 19.80 5.16 -10.92
CA LYS F 64 19.76 4.91 -12.35
C LYS F 64 18.96 6.07 -12.98
N CYS F 65 19.35 6.50 -14.16
CA CYS F 65 18.65 7.57 -14.83
C CYS F 65 17.25 7.10 -15.20
N ARG F 66 16.29 8.01 -15.10
CA ARG F 66 14.90 7.71 -15.39
C ARG F 66 14.57 7.92 -16.86
N LYS F 67 14.61 6.84 -17.63
CA LYS F 67 14.29 6.94 -19.05
C LYS F 67 12.88 7.45 -19.29
N GLU F 68 11.95 7.07 -18.43
CA GLU F 68 10.56 7.54 -18.53
C GLU F 68 10.41 9.06 -18.37
N MET F 69 11.34 9.71 -17.66
CA MET F 69 11.39 11.16 -17.54
C MET F 69 12.18 11.83 -18.63
N GLY F 70 12.69 11.05 -19.59
CA GLY F 70 13.56 11.62 -20.63
C GLY F 70 14.98 12.00 -20.17
N GLN F 71 15.44 11.42 -19.06
CA GLN F 71 16.73 11.77 -18.52
C GLN F 71 17.82 11.07 -19.30
N VAL F 72 19.02 11.60 -19.21
CA VAL F 72 20.19 10.98 -19.79
C VAL F 72 21.29 11.01 -18.77
N GLU F 73 22.21 10.06 -18.88
CA GLU F 73 23.32 9.93 -17.93
C GLU F 73 24.43 10.89 -18.28
N ILE F 74 24.79 11.72 -17.32
CA ILE F 74 25.97 12.57 -17.41
C ILE F 74 27.22 11.84 -16.90
N SER F 75 27.12 11.18 -15.74
CA SER F 75 28.23 10.41 -15.14
C SER F 75 27.72 9.12 -14.58
N SER F 76 28.36 8.02 -14.91
CA SER F 76 28.02 6.77 -14.26
C SER F 76 28.44 6.75 -12.77
N CYS F 77 27.82 5.84 -12.04
CA CYS F 77 28.16 5.60 -10.65
C CYS F 77 29.65 5.27 -10.52
N THR F 78 30.34 5.97 -9.65
CA THR F 78 31.68 5.56 -9.20
C THR F 78 31.58 5.18 -7.74
N VAL F 79 32.68 4.72 -7.17
CA VAL F 79 32.67 4.25 -5.81
C VAL F 79 32.47 5.36 -4.82
N ASP F 80 32.72 6.61 -5.20
CA ASP F 80 32.51 7.71 -4.28
C ASP F 80 31.52 8.77 -4.77
N ARG F 81 30.82 8.48 -5.85
CA ARG F 81 29.88 9.42 -6.42
C ARG F 81 28.69 8.67 -7.06
N ASP F 82 27.47 9.06 -6.71
CA ASP F 82 26.30 8.47 -7.29
C ASP F 82 26.17 8.90 -8.75
N THR F 83 25.52 8.05 -9.54
CA THR F 83 25.13 8.39 -10.90
C THR F 83 24.61 9.83 -10.99
N VAL F 84 24.94 10.51 -12.06
CA VAL F 84 24.44 11.86 -12.27
C VAL F 84 23.69 11.91 -13.59
N CYS F 85 22.50 12.50 -13.53
CA CYS F 85 21.56 12.46 -14.64
C CYS F 85 21.15 13.86 -15.01
N GLY F 86 20.82 14.06 -16.27
CA GLY F 86 20.31 15.35 -16.72
C GLY F 86 19.40 15.23 -17.92
N CYS F 87 19.32 16.32 -18.68
CA CYS F 87 18.43 16.42 -19.82
C CYS F 87 19.20 16.69 -21.08
N ARG F 88 18.50 16.65 -22.21
CA ARG F 88 19.12 16.88 -23.52
C ARG F 88 19.11 18.35 -23.92
N LYS F 89 19.69 18.63 -25.07
CA LYS F 89 19.62 19.97 -25.70
C LYS F 89 18.21 20.50 -25.67
N ASN F 90 18.06 21.78 -25.35
CA ASN F 90 16.76 22.46 -25.41
C ASN F 90 15.72 21.82 -24.53
N GLN F 91 16.14 21.42 -23.34
CA GLN F 91 15.25 20.88 -22.33
C GLN F 91 15.63 21.44 -21.01
N TYR F 92 14.69 21.42 -20.08
CA TYR F 92 14.99 21.83 -18.73
C TYR F 92 14.44 20.80 -17.78
N ARG F 93 14.97 20.84 -16.57
CA ARG F 93 14.58 19.95 -15.55
C ARG F 93 13.49 20.59 -14.74
N HIS F 94 12.38 19.88 -14.61
CA HIS F 94 11.34 20.24 -13.67
C HIS F 94 11.41 19.30 -12.47
N TYR F 95 11.77 19.85 -11.32
CA TYR F 95 11.86 19.04 -10.10
C TYR F 95 10.50 18.90 -9.47
N TRP F 96 9.95 17.70 -9.58
CA TRP F 96 8.75 17.31 -8.85
C TRP F 96 9.05 17.13 -7.39
N SER F 97 10.28 16.81 -7.06
CA SER F 97 10.69 16.71 -5.68
C SER F 97 12.17 16.95 -5.62
N GLU F 98 12.70 17.01 -4.41
CA GLU F 98 14.13 17.07 -4.14
C GLU F 98 14.90 16.20 -5.15
N ASN F 99 14.43 14.97 -5.39
CA ASN F 99 15.18 14.02 -6.21
C ASN F 99 14.60 13.64 -7.57
N LEU F 100 13.30 13.75 -7.72
CA LEU F 100 12.66 13.37 -8.96
C LEU F 100 12.54 14.58 -9.84
N PHE F 101 13.04 14.48 -11.07
CA PHE F 101 12.87 15.55 -12.04
C PHE F 101 12.55 15.02 -13.41
N GLN F 102 11.83 15.82 -14.17
CA GLN F 102 11.37 15.39 -15.47
C GLN F 102 11.91 16.37 -16.49
N CYS F 103 12.38 15.83 -17.61
CA CYS F 103 12.92 16.64 -18.70
C CYS F 103 11.79 17.13 -19.60
N PHE F 104 11.63 18.44 -19.71
CA PHE F 104 10.64 19.03 -20.61
C PHE F 104 11.34 19.89 -21.65
N ASN F 105 10.68 20.05 -22.79
CA ASN F 105 11.17 20.95 -23.83
C ASN F 105 10.98 22.40 -23.50
N CYS F 106 11.99 23.21 -23.76
CA CYS F 106 11.92 24.64 -23.49
C CYS F 106 10.85 25.28 -24.32
N SER F 107 10.16 26.26 -23.78
CA SER F 107 9.13 26.96 -24.52
C SER F 107 9.80 27.84 -25.56
N LEU F 108 9.11 27.99 -26.69
CA LEU F 108 9.60 28.87 -27.75
C LEU F 108 8.97 30.25 -27.73
N CYS F 109 8.01 30.48 -26.85
CA CYS F 109 7.33 31.77 -26.73
C CYS F 109 6.80 32.19 -28.09
N LEU F 110 6.04 31.29 -28.72
CA LEU F 110 5.36 31.62 -29.96
C LEU F 110 4.25 32.60 -29.64
N ASN F 111 4.00 33.51 -30.59
CA ASN F 111 3.14 34.68 -30.42
C ASN F 111 3.65 35.59 -29.32
N GLY F 112 4.94 35.49 -29.01
CA GLY F 112 5.52 36.23 -27.93
C GLY F 112 7.01 36.43 -28.11
N THR F 113 7.75 36.46 -27.02
CA THR F 113 9.12 36.87 -27.04
C THR F 113 9.85 36.23 -25.88
N VAL F 114 11.04 35.70 -26.14
CA VAL F 114 11.85 35.10 -25.10
C VAL F 114 12.44 36.21 -24.28
N HIS F 115 11.94 36.36 -23.08
CA HIS F 115 12.41 37.37 -22.19
C HIS F 115 13.67 36.89 -21.46
N LEU F 116 13.68 35.61 -21.08
CA LEU F 116 14.84 35.02 -20.43
C LEU F 116 14.97 33.63 -20.95
N SER F 117 16.15 33.27 -21.38
CA SER F 117 16.33 31.99 -22.05
C SER F 117 16.22 30.81 -21.07
N CYS F 118 15.80 29.67 -21.60
CA CYS F 118 15.77 28.41 -20.87
C CYS F 118 17.02 28.19 -20.04
N GLN F 119 16.87 27.67 -18.83
CA GLN F 119 18.01 27.30 -17.99
C GLN F 119 17.91 25.84 -17.57
N GLU F 120 18.89 25.38 -16.79
CA GLU F 120 18.98 23.98 -16.46
C GLU F 120 17.73 23.51 -15.76
N LYS F 121 17.28 24.31 -14.81
CA LYS F 121 16.17 23.91 -13.95
C LYS F 121 14.98 24.83 -14.05
N GLN F 122 14.85 25.53 -15.17
CA GLN F 122 13.89 26.60 -15.28
C GLN F 122 13.54 26.79 -16.77
N ASN F 123 12.24 26.79 -17.08
CA ASN F 123 11.80 27.02 -18.44
C ASN F 123 12.06 28.45 -18.91
N THR F 124 12.05 28.61 -20.22
CA THR F 124 12.11 29.92 -20.85
C THR F 124 11.07 30.80 -20.22
N VAL F 125 11.39 32.05 -19.94
CA VAL F 125 10.39 33.02 -19.54
C VAL F 125 9.95 33.80 -20.77
N CYS F 126 8.67 33.67 -21.12
CA CYS F 126 8.07 34.41 -22.22
C CYS F 126 7.39 35.71 -21.80
N THR F 127 7.23 36.62 -22.76
CA THR F 127 6.20 37.66 -22.69
C THR F 127 5.36 37.47 -23.91
N CYS F 128 4.16 38.05 -23.94
CA CYS F 128 3.25 37.80 -25.04
C CYS F 128 2.93 39.05 -25.84
N HIS F 129 2.79 38.89 -27.15
CA HIS F 129 2.41 40.00 -28.03
C HIS F 129 0.98 40.42 -27.73
N ALA F 130 0.63 41.65 -28.14
CA ALA F 130 -0.75 42.13 -28.01
C ALA F 130 -1.75 41.12 -28.58
N GLY F 131 -2.80 40.85 -27.83
CA GLY F 131 -3.81 39.87 -28.21
C GLY F 131 -3.70 38.59 -27.40
N PHE F 132 -2.55 38.36 -26.77
CA PHE F 132 -2.32 37.11 -26.06
C PHE F 132 -1.90 37.34 -24.64
N PHE F 133 -2.06 36.29 -23.85
CA PHE F 133 -1.59 36.25 -22.49
C PHE F 133 -1.10 34.84 -22.17
N LEU F 134 -0.41 34.71 -21.04
CA LEU F 134 0.25 33.46 -20.69
C LEU F 134 -0.64 32.52 -19.93
N ARG F 135 -0.74 31.28 -20.42
CA ARG F 135 -1.24 30.19 -19.57
C ARG F 135 -0.55 28.86 -19.94
N GLU F 136 0.03 28.20 -18.92
CA GLU F 136 0.95 27.06 -19.12
C GLU F 136 2.20 27.53 -19.91
N ASN F 137 2.66 28.75 -19.60
CA ASN F 137 3.78 29.40 -20.31
C ASN F 137 3.72 29.32 -21.87
N GLU F 138 2.53 29.26 -22.41
CA GLU F 138 2.33 29.46 -23.83
C GLU F 138 1.45 30.69 -23.96
N CYS F 139 1.65 31.40 -25.05
CA CYS F 139 0.89 32.60 -25.29
C CYS F 139 -0.42 32.21 -25.98
N VAL F 140 -1.54 32.46 -25.29
CA VAL F 140 -2.87 32.14 -25.84
C VAL F 140 -3.74 33.38 -26.00
N SER F 141 -4.71 33.27 -26.92
CA SER F 141 -5.56 34.42 -27.33
C SER F 141 -6.48 34.95 -26.22
N SER F 142 -6.60 36.28 -26.15
CA SER F 142 -7.24 37.00 -25.03
C SER F 142 -8.69 37.49 -25.31
#